data_5UPN
#
_entry.id   5UPN
#
_cell.length_a   65.610
_cell.length_b   95.390
_cell.length_c   158.270
_cell.angle_alpha   90.000
_cell.angle_beta   90.000
_cell.angle_gamma   90.000
#
_symmetry.space_group_name_H-M   'P 21 21 21'
#
loop_
_entity.id
_entity.type
_entity.pdbx_description
1 polymer 'BH0236 protein'
2 branched beta-D-glucopyranose-(1-3)-beta-D-glucopyranose
3 branched beta-D-glucopyranose-(1-3)-beta-D-glucopyranose-(1-3)-beta-D-glucopyranose-(1-3)-beta-D-glucopyranose
4 non-polymer alpha-D-glucopyranose
5 non-polymer beta-D-glucopyranose
6 non-polymer 'PHOSPHATE ION'
7 non-polymer 1,2-ETHANEDIOL
8 water water
#
_entity_poly.entity_id   1
_entity_poly.type   'polypeptide(L)'
_entity_poly.pdbx_seq_one_letter_code
;MHAVSVGKGSYATEFPEIDFGGINDPGFRDQQGEPPATIYRSDRVTGPMQTNSWWGSLAVDRFSMNQYPHPFSVRHRAEG
LHVFYDAPHNMVVHENREAGTWHIHGAIGTDFTIKHSGTANFEQAVVDDYNDWYVRGLLENGAHQMAITYGVGSPYIFVE
YEDGSAVLDFDIAPDVWEMNGHVIGFSTHDHKHYAAFAPPGQNWSGIGSKTLTNNADYIAIAKLPEKDGNMLAKFEQYAY
SVVRDAVADWTYDEATGTVTTTFEVTTEAKVQGAPDGTIFALYPHQYRHLASSSENQLLQNYQYEIIRGTMIGLEGKRFT
TELTYPGVLPSLPDLGDYDRERLIGYLHDATSDYPTGSDTYELGKYIGKLATLAPIADQMGEYELAEQFRGELKDILEDW
LQATNASGQLKGKNLFYYNENWGTILGYHAAHSSATRINDHHFHYGYFVKAAAEIARADQEWAKSENWGGMIDLLIRDFM
ADRDDDLFPYLRMFDPYSGNSWADGLATFDAGNNQQSSSEAMHAWTNVILWAEATGNKALRDRAIYLYTTEMSAINEYFF
DVHQEIFPEEYGPEIVTINWGGKMDHATWWNSGKVEKYAINWLPFHGGSLYLGHHPDYVDRAYEELRRDIGSTDWNLWSN
LVWMYRAFTNPDDALQQMEASIDDYGLFDPGNEKIIERGSTKAQTYHWIHNLAELGRVDPTVTANHPIYAVFNKNGNRTY
IVYNFSDSPITVQFSDGHSIQVEPHSFNIGNGD
;
_entity_poly.pdbx_strand_id   A
#
loop_
_chem_comp.id
_chem_comp.type
_chem_comp.name
_chem_comp.formula
BGC D-saccharide, beta linking beta-D-glucopyranose 'C6 H12 O6'
EDO non-polymer 1,2-ETHANEDIOL 'C2 H6 O2'
GLC D-saccharide, alpha linking alpha-D-glucopyranose 'C6 H12 O6'
PO4 non-polymer 'PHOSPHATE ION' 'O4 P -3'
#
# COMPACT_ATOMS: atom_id res chain seq x y z
N HIS A 2 3.45 -25.31 -22.34
CA HIS A 2 3.97 -24.88 -20.99
C HIS A 2 4.27 -23.37 -20.87
N ALA A 3 4.01 -22.59 -21.91
CA ALA A 3 4.15 -21.14 -21.86
C ALA A 3 3.15 -20.48 -22.80
N VAL A 4 2.80 -19.23 -22.52
CA VAL A 4 1.84 -18.47 -23.30
C VAL A 4 2.56 -17.27 -23.90
N SER A 5 2.50 -17.13 -25.22
N SER A 5 2.47 -17.12 -25.22
CA SER A 5 3.13 -16.00 -25.90
CA SER A 5 3.10 -16.02 -25.93
C SER A 5 2.34 -14.72 -25.69
C SER A 5 2.32 -14.72 -25.69
N VAL A 6 3.05 -13.65 -25.37
CA VAL A 6 2.49 -12.32 -25.19
C VAL A 6 3.42 -11.37 -25.93
N GLY A 7 3.00 -10.94 -27.12
CA GLY A 7 3.89 -10.21 -28.02
C GLY A 7 5.15 -11.02 -28.28
N LYS A 8 6.30 -10.36 -28.21
CA LYS A 8 7.60 -11.04 -28.36
C LYS A 8 8.01 -11.86 -27.12
N GLY A 9 7.30 -11.68 -26.00
CA GLY A 9 7.64 -12.39 -24.76
C GLY A 9 6.71 -13.54 -24.45
N SER A 10 6.80 -14.03 -23.22
CA SER A 10 5.96 -15.13 -22.74
C SER A 10 6.09 -15.32 -21.23
N TYR A 11 5.09 -15.98 -20.66
CA TYR A 11 5.12 -16.45 -19.29
C TYR A 11 4.88 -17.96 -19.22
N ALA A 12 5.46 -18.59 -18.22
CA ALA A 12 5.28 -20.01 -17.97
C ALA A 12 3.90 -20.29 -17.38
N THR A 13 3.32 -21.42 -17.78
CA THR A 13 2.06 -21.93 -17.21
C THR A 13 2.26 -23.23 -16.40
N GLU A 14 3.49 -23.72 -16.37
CA GLU A 14 3.89 -24.86 -15.56
C GLU A 14 5.02 -24.37 -14.68
N PHE A 15 5.05 -24.80 -13.43
CA PHE A 15 6.10 -24.39 -12.49
C PHE A 15 7.45 -24.89 -13.01
N PRO A 16 8.41 -23.97 -13.24
CA PRO A 16 9.64 -24.40 -13.89
C PRO A 16 10.53 -25.29 -13.01
N GLU A 17 11.44 -26.00 -13.65
N GLU A 17 11.43 -26.02 -13.65
CA GLU A 17 12.52 -26.70 -12.95
CA GLU A 17 12.52 -26.70 -12.94
C GLU A 17 13.58 -25.65 -12.63
C GLU A 17 13.55 -25.64 -12.62
N ILE A 18 13.64 -25.24 -11.36
CA ILE A 18 14.47 -24.10 -10.97
C ILE A 18 15.96 -24.40 -11.10
N ASP A 19 16.69 -23.45 -11.65
CA ASP A 19 18.14 -23.45 -11.68
C ASP A 19 18.60 -22.75 -10.40
N PHE A 20 19.05 -23.54 -9.43
CA PHE A 20 19.54 -23.00 -8.16
C PHE A 20 20.97 -22.45 -8.22
N GLY A 21 21.68 -22.67 -9.34
CA GLY A 21 23.02 -22.13 -9.53
C GLY A 21 24.06 -22.63 -8.53
N GLY A 22 23.90 -23.88 -8.09
CA GLY A 22 24.78 -24.47 -7.09
C GLY A 22 24.62 -23.97 -5.65
N ILE A 23 23.63 -23.11 -5.40
CA ILE A 23 23.42 -22.54 -4.06
C ILE A 23 22.63 -23.55 -3.24
N ASN A 24 23.23 -23.99 -2.12
CA ASN A 24 22.62 -24.99 -1.23
C ASN A 24 21.87 -24.38 -0.04
N ASP A 25 22.11 -23.09 0.26
CA ASP A 25 21.42 -22.36 1.34
C ASP A 25 19.91 -22.67 1.34
N PRO A 26 19.39 -23.34 2.41
CA PRO A 26 17.97 -23.71 2.42
C PRO A 26 17.00 -22.55 2.25
N GLY A 27 17.32 -21.38 2.83
CA GLY A 27 16.47 -20.19 2.73
C GLY A 27 16.26 -19.76 1.29
N PHE A 28 17.37 -19.59 0.56
CA PHE A 28 17.33 -19.27 -0.86
C PHE A 28 16.53 -20.30 -1.65
N ARG A 29 16.80 -21.58 -1.41
CA ARG A 29 16.11 -22.65 -2.13
C ARG A 29 14.61 -22.66 -1.86
N ASP A 30 14.22 -22.48 -0.59
CA ASP A 30 12.81 -22.45 -0.21
C ASP A 30 12.05 -21.26 -0.81
N GLN A 31 12.75 -20.16 -1.09
CA GLN A 31 12.13 -19.01 -1.79
C GLN A 31 11.65 -19.34 -3.22
N GLN A 32 12.26 -20.34 -3.84
CA GLN A 32 11.93 -20.70 -5.22
C GLN A 32 10.82 -21.75 -5.22
N GLY A 33 9.66 -21.33 -4.71
CA GLY A 33 8.49 -22.18 -4.56
C GLY A 33 7.24 -21.44 -4.98
N GLU A 34 6.10 -21.94 -4.50
CA GLU A 34 4.80 -21.43 -4.85
C GLU A 34 3.98 -21.12 -3.60
N PRO A 35 2.95 -20.27 -3.73
CA PRO A 35 2.04 -20.04 -2.61
C PRO A 35 1.25 -21.29 -2.20
N PRO A 36 0.58 -21.26 -1.02
CA PRO A 36 -0.10 -22.45 -0.49
C PRO A 36 -1.09 -23.11 -1.44
N ALA A 37 -1.09 -24.44 -1.46
CA ALA A 37 -2.03 -25.18 -2.29
C ALA A 37 -3.47 -24.99 -1.81
N THR A 38 -3.69 -24.96 -0.49
CA THR A 38 -5.05 -24.89 0.05
C THR A 38 -5.51 -23.44 0.20
N ILE A 39 -6.66 -23.14 -0.39
CA ILE A 39 -7.30 -21.82 -0.21
C ILE A 39 -8.61 -22.07 0.51
N TYR A 40 -8.77 -21.48 1.69
CA TYR A 40 -9.99 -21.61 2.46
C TYR A 40 -11.02 -20.63 1.95
N ARG A 41 -11.66 -21.01 0.86
CA ARG A 41 -12.79 -20.29 0.30
C ARG A 41 -13.89 -21.26 -0.08
N SER A 42 -15.13 -20.79 -0.04
CA SER A 42 -16.27 -21.62 -0.45
C SER A 42 -16.35 -21.72 -1.97
N ASP A 43 -17.22 -22.61 -2.46
CA ASP A 43 -17.45 -22.73 -3.92
C ASP A 43 -18.28 -21.57 -4.51
N ARG A 44 -18.65 -20.59 -3.69
CA ARG A 44 -19.21 -19.34 -4.16
C ARG A 44 -18.14 -18.34 -4.59
N VAL A 45 -16.89 -18.60 -4.22
CA VAL A 45 -15.77 -17.71 -4.52
C VAL A 45 -14.90 -18.41 -5.56
N THR A 46 -14.97 -17.94 -6.80
CA THR A 46 -14.26 -18.56 -7.93
C THR A 46 -13.43 -17.52 -8.67
N GLY A 47 -12.55 -18.01 -9.54
CA GLY A 47 -11.68 -17.14 -10.31
C GLY A 47 -10.45 -16.75 -9.52
N PRO A 48 -9.65 -15.81 -10.06
CA PRO A 48 -8.45 -15.33 -9.37
C PRO A 48 -8.75 -14.88 -7.94
N MET A 49 -7.99 -15.38 -6.97
CA MET A 49 -8.26 -15.11 -5.56
C MET A 49 -7.60 -13.81 -5.13
N GLN A 50 -8.34 -13.02 -4.34
CA GLN A 50 -7.80 -11.79 -3.78
C GLN A 50 -6.69 -12.10 -2.77
N THR A 51 -5.66 -11.26 -2.74
CA THR A 51 -4.52 -11.42 -1.83
C THR A 51 -4.15 -10.05 -1.31
N ASN A 52 -3.12 -9.98 -0.47
CA ASN A 52 -2.59 -8.70 0.02
C ASN A 52 -3.70 -7.85 0.65
N SER A 53 -4.53 -8.49 1.46
N SER A 53 -4.53 -8.50 1.46
CA SER A 53 -5.68 -7.84 2.09
CA SER A 53 -5.69 -7.89 2.08
C SER A 53 -5.54 -7.82 3.60
C SER A 53 -5.49 -7.75 3.58
N TRP A 54 -6.33 -6.94 4.21
CA TRP A 54 -6.39 -6.87 5.68
C TRP A 54 -6.93 -8.19 6.28
N TRP A 55 -7.73 -8.92 5.50
CA TRP A 55 -8.45 -10.11 5.93
C TRP A 55 -7.84 -11.44 5.46
N GLY A 56 -6.70 -11.39 4.79
CA GLY A 56 -6.17 -12.57 4.08
C GLY A 56 -5.94 -13.82 4.90
N SER A 57 -5.68 -13.68 6.20
CA SER A 57 -5.41 -14.87 7.03
C SER A 57 -6.61 -15.84 7.09
N LEU A 58 -7.81 -15.32 6.87
CA LEU A 58 -9.02 -16.16 6.76
C LEU A 58 -8.94 -17.13 5.57
N ALA A 59 -8.32 -16.69 4.49
CA ALA A 59 -8.16 -17.52 3.28
C ALA A 59 -7.02 -18.55 3.36
N VAL A 60 -6.02 -18.27 4.18
CA VAL A 60 -4.79 -19.07 4.23
C VAL A 60 -4.78 -20.02 5.41
N ASP A 61 -5.13 -19.54 6.59
CA ASP A 61 -5.24 -20.38 7.79
C ASP A 61 -6.56 -21.14 7.76
N ARG A 62 -6.58 -22.30 8.41
N ARG A 62 -6.60 -22.30 8.42
CA ARG A 62 -7.80 -23.10 8.59
CA ARG A 62 -7.84 -23.07 8.55
C ARG A 62 -8.95 -22.24 9.17
C ARG A 62 -8.97 -22.24 9.17
N PHE A 63 -8.63 -21.47 10.21
CA PHE A 63 -9.56 -20.54 10.82
C PHE A 63 -9.16 -19.14 10.36
N SER A 64 -8.59 -18.31 11.25
CA SER A 64 -7.91 -17.12 10.83
C SER A 64 -6.90 -16.77 11.90
N MET A 65 -6.09 -15.77 11.61
N MET A 65 -6.07 -15.79 11.58
CA MET A 65 -5.27 -15.15 12.64
CA MET A 65 -5.23 -15.11 12.58
C MET A 65 -6.01 -13.88 13.05
C MET A 65 -6.03 -13.91 13.08
N ASN A 66 -5.43 -13.14 13.99
CA ASN A 66 -6.07 -11.93 14.50
C ASN A 66 -6.12 -10.87 13.39
N GLN A 67 -7.30 -10.26 13.22
CA GLN A 67 -7.55 -9.27 12.16
C GLN A 67 -8.04 -7.97 12.76
N TYR A 68 -7.92 -6.90 11.98
CA TYR A 68 -8.29 -5.55 12.46
C TYR A 68 -9.29 -4.85 11.53
N PRO A 69 -10.56 -5.31 11.53
CA PRO A 69 -11.64 -4.57 10.88
C PRO A 69 -12.02 -3.42 11.80
N HIS A 70 -11.23 -2.35 11.74
CA HIS A 70 -11.38 -1.24 12.67
C HIS A 70 -12.81 -0.71 12.64
N PRO A 71 -13.42 -0.45 13.81
CA PRO A 71 -12.74 -0.36 15.12
C PRO A 71 -12.43 -1.65 15.89
N PHE A 72 -12.87 -2.81 15.40
CA PHE A 72 -12.68 -4.08 16.11
C PHE A 72 -11.33 -4.72 15.81
N SER A 73 -10.92 -5.63 16.70
CA SER A 73 -10.12 -6.79 16.28
C SER A 73 -10.96 -8.07 16.46
N VAL A 74 -10.75 -9.02 15.55
CA VAL A 74 -11.46 -10.30 15.58
C VAL A 74 -10.55 -11.44 15.19
N ARG A 75 -10.91 -12.65 15.62
CA ARG A 75 -10.27 -13.85 15.10
C ARG A 75 -11.21 -15.03 15.11
N HIS A 76 -11.15 -15.82 14.04
CA HIS A 76 -11.96 -17.02 13.91
C HIS A 76 -11.30 -18.18 14.64
N ARG A 77 -12.11 -18.95 15.34
CA ARG A 77 -11.68 -20.17 16.03
C ARG A 77 -12.74 -21.25 15.88
N ALA A 78 -12.41 -22.47 16.29
CA ALA A 78 -13.36 -23.58 16.27
C ALA A 78 -14.61 -23.26 17.10
N GLU A 79 -14.41 -22.56 18.21
CA GLU A 79 -15.48 -22.20 19.14
C GLU A 79 -16.37 -21.05 18.66
N GLY A 80 -15.90 -20.26 17.69
CA GLY A 80 -16.62 -19.10 17.17
C GLY A 80 -15.71 -17.92 16.86
N LEU A 81 -16.30 -16.73 16.74
CA LEU A 81 -15.52 -15.52 16.43
C LEU A 81 -15.23 -14.73 17.71
N HIS A 82 -13.96 -14.60 18.07
CA HIS A 82 -13.57 -13.75 19.19
C HIS A 82 -13.61 -12.30 18.72
N VAL A 83 -14.10 -11.42 19.58
CA VAL A 83 -14.20 -9.99 19.31
C VAL A 83 -13.47 -9.24 20.42
N PHE A 84 -12.70 -8.23 20.04
CA PHE A 84 -11.94 -7.43 20.98
C PHE A 84 -11.87 -5.98 20.52
N TYR A 85 -11.67 -5.08 21.47
CA TYR A 85 -11.40 -3.67 21.22
C TYR A 85 -10.26 -3.22 22.13
N ASP A 86 -9.20 -2.67 21.53
CA ASP A 86 -8.10 -2.08 22.31
C ASP A 86 -8.52 -0.75 22.94
N ALA A 87 -8.77 -0.79 24.25
CA ALA A 87 -9.01 0.41 25.04
C ALA A 87 -7.67 1.06 25.42
N PRO A 88 -7.69 2.30 25.93
CA PRO A 88 -6.41 2.90 26.32
C PRO A 88 -5.54 2.06 27.27
N HIS A 89 -6.15 1.38 28.23
CA HIS A 89 -5.40 0.48 29.14
C HIS A 89 -4.78 -0.76 28.44
N ASN A 90 -5.27 -1.11 27.26
CA ASN A 90 -4.65 -2.17 26.44
C ASN A 90 -3.46 -1.68 25.60
N MET A 91 -3.35 -0.37 25.36
CA MET A 91 -2.32 0.18 24.47
C MET A 91 -1.05 0.48 25.21
N VAL A 92 0.08 0.19 24.58
CA VAL A 92 1.40 0.49 25.15
C VAL A 92 2.33 1.08 24.10
N VAL A 93 3.30 1.85 24.57
CA VAL A 93 4.38 2.34 23.74
C VAL A 93 5.67 1.89 24.44
N HIS A 94 6.46 1.08 23.75
CA HIS A 94 7.72 0.54 24.30
C HIS A 94 8.90 0.89 23.42
N GLU A 95 10.04 1.15 24.06
CA GLU A 95 11.31 1.40 23.39
C GLU A 95 12.32 0.35 23.81
N ASN A 96 13.10 -0.13 22.84
CA ASN A 96 14.27 -0.95 23.09
C ASN A 96 15.45 -0.11 22.61
N ARG A 97 16.13 0.54 23.57
CA ARG A 97 17.19 1.49 23.26
C ARG A 97 18.37 0.88 22.51
N GLU A 98 18.79 -0.31 22.92
CA GLU A 98 19.92 -0.99 22.28
C GLU A 98 19.61 -1.37 20.83
N ALA A 99 18.39 -1.87 20.58
CA ALA A 99 17.94 -2.21 19.24
C ALA A 99 17.59 -0.97 18.39
N GLY A 100 17.31 0.15 19.04
CA GLY A 100 16.88 1.37 18.36
C GLY A 100 15.46 1.23 17.83
N THR A 101 14.65 0.39 18.49
CA THR A 101 13.28 0.14 18.05
C THR A 101 12.24 0.72 19.00
N TRP A 102 11.08 1.04 18.45
CA TRP A 102 9.91 1.45 19.23
C TRP A 102 8.72 0.68 18.72
N HIS A 103 7.75 0.45 19.62
CA HIS A 103 6.56 -0.32 19.28
C HIS A 103 5.34 0.28 19.92
N ILE A 104 4.33 0.60 19.10
CA ILE A 104 3.02 1.02 19.60
C ILE A 104 2.09 -0.16 19.33
N HIS A 105 1.50 -0.73 20.38
CA HIS A 105 0.63 -1.89 20.18
C HIS A 105 -0.40 -2.08 21.28
N GLY A 106 -1.37 -2.94 20.99
CA GLY A 106 -2.42 -3.32 21.92
C GLY A 106 -2.25 -4.76 22.39
N ALA A 107 -3.38 -5.39 22.69
CA ALA A 107 -3.40 -6.76 23.20
C ALA A 107 -4.15 -7.69 22.25
N ILE A 108 -3.90 -8.98 22.40
CA ILE A 108 -4.66 -10.02 21.69
C ILE A 108 -5.60 -10.66 22.72
N GLY A 109 -6.61 -9.92 23.13
CA GLY A 109 -7.57 -10.42 24.10
C GLY A 109 -8.91 -10.81 23.49
N THR A 110 -9.86 -11.10 24.36
CA THR A 110 -11.22 -11.43 23.96
C THR A 110 -12.17 -10.71 24.90
N ASP A 111 -13.00 -9.83 24.35
CA ASP A 111 -14.08 -9.20 25.11
C ASP A 111 -15.27 -10.16 25.20
N PHE A 112 -15.57 -10.82 24.08
CA PHE A 112 -16.55 -11.90 24.03
C PHE A 112 -16.36 -12.71 22.75
N THR A 113 -16.98 -13.89 22.73
CA THR A 113 -16.98 -14.76 21.57
C THR A 113 -18.40 -14.86 21.03
N ILE A 114 -18.55 -14.65 19.73
CA ILE A 114 -19.81 -14.82 19.05
C ILE A 114 -19.88 -16.29 18.68
N LYS A 115 -20.93 -16.97 19.16
CA LYS A 115 -21.04 -18.42 19.04
C LYS A 115 -22.37 -18.85 18.45
N HIS A 116 -22.39 -20.13 18.07
CA HIS A 116 -23.50 -20.80 17.43
C HIS A 116 -24.04 -21.81 18.46
N SER A 117 -25.35 -21.79 18.70
CA SER A 117 -25.95 -22.65 19.74
C SER A 117 -25.74 -24.17 19.54
N GLY A 118 -25.60 -24.59 18.29
CA GLY A 118 -25.42 -25.99 17.92
C GLY A 118 -24.03 -26.60 17.95
N THR A 119 -22.99 -25.77 17.98
CA THR A 119 -21.61 -26.26 17.97
C THR A 119 -20.61 -25.22 18.43
N ALA A 120 -19.61 -25.68 19.17
CA ALA A 120 -18.39 -24.91 19.44
C ALA A 120 -17.17 -25.66 18.90
N ASN A 121 -17.38 -26.43 17.83
CA ASN A 121 -16.31 -27.18 17.19
C ASN A 121 -16.46 -27.09 15.67
N PHE A 122 -16.44 -25.86 15.17
CA PHE A 122 -16.39 -25.65 13.73
C PHE A 122 -15.13 -26.29 13.12
N GLU A 123 -15.26 -26.77 11.90
CA GLU A 123 -14.17 -27.48 11.19
C GLU A 123 -13.18 -26.53 10.55
N GLN A 124 -13.68 -25.41 10.05
CA GLN A 124 -12.86 -24.41 9.37
C GLN A 124 -13.67 -23.13 9.21
N ALA A 125 -12.97 -22.05 8.89
CA ALA A 125 -13.58 -20.78 8.50
C ALA A 125 -13.10 -20.45 7.11
N VAL A 126 -14.02 -20.19 6.18
CA VAL A 126 -13.66 -19.91 4.80
C VAL A 126 -14.15 -18.53 4.37
N VAL A 127 -13.53 -18.00 3.33
CA VAL A 127 -14.01 -16.81 2.66
C VAL A 127 -15.20 -17.23 1.80
N ASP A 128 -16.37 -16.68 2.09
CA ASP A 128 -17.60 -17.01 1.34
C ASP A 128 -17.99 -15.90 0.36
N ASP A 129 -17.50 -14.69 0.58
CA ASP A 129 -17.68 -13.56 -0.34
C ASP A 129 -16.76 -12.43 0.12
N TYR A 130 -16.48 -11.49 -0.77
CA TYR A 130 -15.79 -10.26 -0.41
C TYR A 130 -16.10 -9.18 -1.43
N ASN A 131 -15.78 -7.95 -1.06
CA ASN A 131 -15.91 -6.82 -1.99
C ASN A 131 -14.70 -5.90 -1.80
N ASP A 132 -14.81 -4.61 -2.09
CA ASP A 132 -13.61 -3.76 -2.06
C ASP A 132 -12.97 -3.64 -0.68
N TRP A 133 -13.75 -3.77 0.40
CA TRP A 133 -13.16 -3.76 1.75
C TRP A 133 -13.85 -4.55 2.89
N TYR A 134 -15.02 -5.14 2.65
CA TYR A 134 -15.65 -6.08 3.57
C TYR A 134 -15.34 -7.51 3.15
N VAL A 135 -15.47 -8.42 4.10
CA VAL A 135 -15.37 -9.86 3.83
C VAL A 135 -16.53 -10.55 4.53
N ARG A 136 -16.93 -11.70 3.98
N ARG A 136 -16.96 -11.68 3.96
CA ARG A 136 -17.93 -12.59 4.58
CA ARG A 136 -17.92 -12.58 4.60
C ARG A 136 -17.21 -13.89 4.90
C ARG A 136 -17.18 -13.87 4.90
N GLY A 137 -16.95 -14.12 6.18
CA GLY A 137 -16.29 -15.34 6.66
C GLY A 137 -17.34 -16.34 7.09
N LEU A 138 -17.13 -17.62 6.78
CA LEU A 138 -18.14 -18.64 7.01
C LEU A 138 -17.53 -19.75 7.85
N LEU A 139 -17.96 -19.86 9.09
CA LEU A 139 -17.58 -20.95 10.00
C LEU A 139 -18.51 -22.13 9.71
N GLU A 140 -17.92 -23.31 9.46
CA GLU A 140 -18.62 -24.47 8.89
C GLU A 140 -18.48 -25.73 9.74
N ASN A 141 -19.60 -26.40 10.02
CA ASN A 141 -19.62 -27.74 10.64
C ASN A 141 -20.88 -28.47 10.16
N GLY A 142 -20.83 -28.98 8.94
CA GLY A 142 -21.96 -29.69 8.34
C GLY A 142 -23.14 -28.73 8.17
N ALA A 143 -24.30 -29.11 8.70
CA ALA A 143 -25.50 -28.25 8.66
C ALA A 143 -25.35 -26.96 9.50
N HIS A 144 -24.47 -26.98 10.49
CA HIS A 144 -24.23 -25.79 11.32
C HIS A 144 -23.32 -24.82 10.59
N GLN A 145 -23.82 -23.61 10.33
CA GLN A 145 -23.00 -22.56 9.76
C GLN A 145 -23.23 -21.25 10.47
N MET A 146 -22.18 -20.46 10.53
CA MET A 146 -22.26 -19.09 11.04
C MET A 146 -21.50 -18.19 10.08
N ALA A 147 -22.22 -17.32 9.37
CA ALA A 147 -21.61 -16.40 8.41
C ALA A 147 -21.43 -15.02 9.06
N ILE A 148 -20.20 -14.51 9.04
CA ILE A 148 -19.83 -13.25 9.70
C ILE A 148 -19.39 -12.25 8.63
N THR A 149 -20.10 -11.13 8.54
CA THR A 149 -19.77 -10.07 7.60
C THR A 149 -19.20 -8.91 8.40
N TYR A 150 -18.02 -8.44 8.00
CA TYR A 150 -17.31 -7.42 8.74
C TYR A 150 -16.27 -6.75 7.84
N GLY A 151 -15.75 -5.61 8.29
CA GLY A 151 -14.83 -4.86 7.46
C GLY A 151 -14.14 -3.73 8.17
N VAL A 152 -12.98 -3.35 7.66
CA VAL A 152 -12.36 -2.09 8.06
C VAL A 152 -13.37 -0.98 7.81
N GLY A 153 -13.46 -0.06 8.77
CA GLY A 153 -14.43 1.03 8.69
C GLY A 153 -15.88 0.64 8.88
N SER A 154 -16.13 -0.54 9.48
CA SER A 154 -17.48 -0.93 9.88
C SER A 154 -17.52 -1.15 11.39
N PRO A 155 -18.32 -0.33 12.10
CA PRO A 155 -18.56 -0.56 13.51
C PRO A 155 -19.61 -1.66 13.76
N TYR A 156 -20.09 -2.33 12.70
CA TYR A 156 -20.93 -3.51 12.81
C TYR A 156 -20.21 -4.81 12.45
N ILE A 157 -20.61 -5.87 13.13
CA ILE A 157 -20.36 -7.23 12.69
C ILE A 157 -21.74 -7.87 12.50
N PHE A 158 -22.01 -8.37 11.30
CA PHE A 158 -23.31 -8.96 10.97
C PHE A 158 -23.18 -10.48 11.01
N VAL A 159 -24.09 -11.15 11.71
CA VAL A 159 -23.98 -12.59 11.99
C VAL A 159 -25.23 -13.30 11.51
N GLU A 160 -25.06 -14.26 10.60
CA GLU A 160 -26.17 -15.04 10.02
C GLU A 160 -25.97 -16.52 10.33
N TYR A 161 -27.01 -17.15 10.89
CA TYR A 161 -26.95 -18.53 11.37
C TYR A 161 -27.73 -19.51 10.49
N GLU A 162 -27.14 -20.70 10.26
N GLU A 162 -27.17 -20.71 10.33
CA GLU A 162 -27.87 -21.84 9.71
CA GLU A 162 -27.88 -21.83 9.71
C GLU A 162 -27.92 -22.94 10.77
C GLU A 162 -27.91 -22.96 10.73
N ASP A 163 -29.11 -23.50 10.96
CA ASP A 163 -29.33 -24.62 11.90
C ASP A 163 -28.89 -24.31 13.33
N GLY A 164 -29.18 -23.09 13.77
CA GLY A 164 -28.94 -22.70 15.15
C GLY A 164 -29.24 -21.23 15.38
N SER A 165 -28.90 -20.77 16.58
CA SER A 165 -29.21 -19.44 17.03
C SER A 165 -28.02 -18.84 17.80
N ALA A 166 -28.19 -17.59 18.24
CA ALA A 166 -27.06 -16.77 18.69
C ALA A 166 -26.66 -16.96 20.15
N VAL A 167 -25.35 -16.93 20.39
CA VAL A 167 -24.77 -16.96 21.73
C VAL A 167 -23.61 -15.97 21.81
N LEU A 168 -23.56 -15.19 22.88
CA LEU A 168 -22.43 -14.33 23.18
C LEU A 168 -21.86 -14.77 24.52
N ASP A 169 -20.60 -15.24 24.50
CA ASP A 169 -19.98 -15.83 25.68
C ASP A 169 -18.85 -14.95 26.18
N PHE A 170 -18.86 -14.72 27.50
CA PHE A 170 -17.91 -13.83 28.18
C PHE A 170 -17.20 -14.61 29.28
N ASP A 171 -15.94 -14.27 29.54
CA ASP A 171 -15.21 -14.87 30.67
C ASP A 171 -15.67 -14.28 32.01
N ILE A 172 -15.96 -12.97 32.02
CA ILE A 172 -16.54 -12.29 33.18
C ILE A 172 -17.86 -11.67 32.73
N ALA A 173 -18.92 -11.83 33.54
CA ALA A 173 -20.26 -11.40 33.14
C ALA A 173 -20.28 -9.91 32.80
N PRO A 174 -20.86 -9.54 31.63
CA PRO A 174 -20.95 -8.13 31.28
C PRO A 174 -22.06 -7.41 32.03
N ASP A 175 -21.97 -6.10 32.06
CA ASP A 175 -23.04 -5.23 32.54
C ASP A 175 -23.97 -4.87 31.39
N VAL A 176 -25.19 -5.43 31.41
CA VAL A 176 -26.21 -5.06 30.44
C VAL A 176 -26.96 -3.85 30.99
N TRP A 177 -26.60 -2.68 30.48
CA TRP A 177 -27.10 -1.40 31.00
C TRP A 177 -28.35 -0.91 30.27
N GLU A 178 -28.67 -1.50 29.13
CA GLU A 178 -29.95 -1.22 28.45
C GLU A 178 -30.52 -2.51 27.89
N MET A 179 -31.72 -2.86 28.33
CA MET A 179 -32.39 -4.07 27.91
C MET A 179 -33.70 -3.68 27.25
N ASN A 180 -33.71 -3.68 25.92
CA ASN A 180 -34.90 -3.38 25.12
C ASN A 180 -35.55 -4.64 24.56
N GLY A 181 -35.27 -5.80 25.15
CA GLY A 181 -35.80 -7.08 24.66
C GLY A 181 -34.89 -7.65 23.59
N HIS A 182 -35.09 -7.20 22.36
CA HIS A 182 -34.37 -7.72 21.19
C HIS A 182 -33.07 -6.96 20.92
N VAL A 183 -32.89 -5.84 21.61
CA VAL A 183 -31.71 -4.99 21.48
C VAL A 183 -31.14 -4.78 22.88
N ILE A 184 -29.83 -4.95 23.03
CA ILE A 184 -29.16 -4.73 24.32
C ILE A 184 -27.95 -3.83 24.16
N GLY A 185 -27.78 -2.94 25.14
CA GLY A 185 -26.54 -2.17 25.31
C GLY A 185 -25.80 -2.79 26.47
N PHE A 186 -24.52 -3.11 26.27
CA PHE A 186 -23.73 -3.75 27.32
C PHE A 186 -22.29 -3.29 27.36
N SER A 187 -21.64 -3.55 28.49
CA SER A 187 -20.26 -3.19 28.71
C SER A 187 -19.53 -4.40 29.26
N THR A 188 -18.27 -4.56 28.84
CA THR A 188 -17.40 -5.56 29.44
C THR A 188 -17.09 -5.15 30.89
N HIS A 189 -16.54 -6.08 31.67
CA HIS A 189 -16.10 -5.77 33.05
C HIS A 189 -15.15 -4.57 33.10
N ASP A 190 -14.31 -4.43 32.07
CA ASP A 190 -13.37 -3.31 31.97
C ASP A 190 -13.89 -2.15 31.10
N HIS A 191 -15.23 -2.02 31.06
CA HIS A 191 -15.93 -0.81 30.62
C HIS A 191 -15.84 -0.48 29.12
N LYS A 192 -15.78 -1.52 28.29
CA LYS A 192 -15.84 -1.34 26.83
C LYS A 192 -17.28 -1.50 26.37
N HIS A 193 -17.77 -0.53 25.61
CA HIS A 193 -19.19 -0.42 25.30
C HIS A 193 -19.57 -1.00 23.94
N TYR A 194 -20.54 -1.90 23.95
CA TYR A 194 -21.00 -2.61 22.79
C TYR A 194 -22.53 -2.66 22.78
N ALA A 195 -23.07 -3.12 21.67
CA ALA A 195 -24.50 -3.38 21.56
C ALA A 195 -24.76 -4.61 20.71
N ALA A 196 -25.89 -5.27 20.96
CA ALA A 196 -26.31 -6.41 20.15
C ALA A 196 -27.76 -6.24 19.74
N PHE A 197 -28.07 -6.65 18.51
CA PHE A 197 -29.37 -6.43 17.88
C PHE A 197 -29.91 -7.71 17.29
N ALA A 198 -31.16 -8.05 17.62
CA ALA A 198 -31.86 -9.17 17.00
C ALA A 198 -33.19 -8.66 16.45
N PRO A 199 -33.85 -9.43 15.57
CA PRO A 199 -35.16 -8.98 15.08
C PRO A 199 -36.19 -8.80 16.22
N PRO A 200 -37.13 -7.85 16.06
CA PRO A 200 -38.19 -7.63 17.05
C PRO A 200 -38.87 -8.92 17.45
N GLY A 201 -39.10 -9.08 18.75
CA GLY A 201 -39.72 -10.29 19.29
C GLY A 201 -38.76 -11.37 19.73
N GLN A 202 -37.52 -11.32 19.25
CA GLN A 202 -36.50 -12.30 19.63
C GLN A 202 -35.67 -11.68 20.75
N ASN A 203 -36.04 -12.00 22.00
CA ASN A 203 -35.48 -11.32 23.16
C ASN A 203 -34.25 -12.02 23.71
N TRP A 204 -33.31 -11.21 24.21
CA TRP A 204 -32.07 -11.71 24.78
C TRP A 204 -32.33 -12.30 26.17
N SER A 205 -31.70 -13.45 26.43
N SER A 205 -31.69 -13.43 26.44
CA SER A 205 -31.76 -14.12 27.73
CA SER A 205 -31.75 -14.07 27.75
C SER A 205 -30.34 -14.28 28.29
C SER A 205 -30.35 -14.25 28.30
N GLY A 206 -30.27 -14.65 29.57
CA GLY A 206 -29.01 -14.80 30.28
C GLY A 206 -28.41 -13.51 30.84
N ILE A 207 -29.20 -12.42 30.87
N ILE A 207 -29.20 -12.44 30.89
CA ILE A 207 -28.74 -11.15 31.43
CA ILE A 207 -28.77 -11.15 31.42
C ILE A 207 -28.31 -11.35 32.88
C ILE A 207 -28.36 -11.29 32.89
N GLY A 208 -27.15 -10.83 33.21
CA GLY A 208 -26.54 -11.02 34.54
C GLY A 208 -25.58 -12.18 34.64
N SER A 209 -25.58 -13.07 33.62
CA SER A 209 -24.69 -14.22 33.57
C SER A 209 -23.56 -13.99 32.56
N LYS A 210 -22.70 -14.98 32.40
CA LYS A 210 -21.59 -14.94 31.45
C LYS A 210 -21.99 -15.22 30.00
N THR A 211 -23.23 -15.63 29.78
CA THR A 211 -23.65 -16.08 28.46
C THR A 211 -24.99 -15.46 28.08
N LEU A 212 -24.96 -14.61 27.07
CA LEU A 212 -26.17 -14.00 26.52
C LEU A 212 -26.63 -14.79 25.31
N THR A 213 -27.91 -15.13 25.27
CA THR A 213 -28.45 -15.99 24.22
C THR A 213 -29.65 -15.35 23.54
N ASN A 214 -29.89 -15.74 22.30
CA ASN A 214 -31.01 -15.24 21.53
C ASN A 214 -31.40 -16.28 20.50
N ASN A 215 -32.71 -16.55 20.40
CA ASN A 215 -33.22 -17.56 19.47
C ASN A 215 -33.18 -17.17 17.98
N ALA A 216 -32.86 -15.92 17.67
CA ALA A 216 -32.85 -15.47 16.29
C ALA A 216 -31.76 -16.14 15.46
N ASP A 217 -31.98 -16.17 14.15
CA ASP A 217 -30.98 -16.67 13.18
C ASP A 217 -30.19 -15.52 12.53
N TYR A 218 -30.35 -14.31 13.09
CA TYR A 218 -29.62 -13.14 12.69
C TYR A 218 -29.38 -12.25 13.89
N ILE A 219 -28.14 -11.86 14.14
CA ILE A 219 -27.83 -10.74 15.01
C ILE A 219 -26.81 -9.81 14.38
N ALA A 220 -26.73 -8.60 14.90
CA ALA A 220 -25.62 -7.70 14.63
C ALA A 220 -24.97 -7.31 15.95
N ILE A 221 -23.65 -7.15 15.91
CA ILE A 221 -22.91 -6.55 17.01
C ILE A 221 -22.44 -5.17 16.55
N ALA A 222 -22.53 -4.18 17.43
CA ALA A 222 -21.90 -2.89 17.19
C ALA A 222 -20.95 -2.52 18.32
N LYS A 223 -19.84 -1.87 17.97
CA LYS A 223 -19.04 -1.16 18.94
C LYS A 223 -19.65 0.23 19.08
N LEU A 224 -20.02 0.61 20.31
CA LEU A 224 -20.58 1.93 20.56
C LEU A 224 -19.46 2.91 20.88
N PRO A 225 -19.55 4.16 20.39
CA PRO A 225 -18.57 5.16 20.77
C PRO A 225 -18.58 5.50 22.28
N GLU A 226 -19.76 5.43 22.90
CA GLU A 226 -19.99 5.81 24.30
C GLU A 226 -21.10 4.95 24.89
N LYS A 227 -21.16 4.91 26.22
CA LYS A 227 -22.29 4.30 26.93
C LYS A 227 -23.44 5.30 26.85
N ASP A 228 -24.23 5.19 25.79
CA ASP A 228 -25.16 6.25 25.43
C ASP A 228 -26.35 5.63 24.69
N GLY A 229 -27.53 5.74 25.30
CA GLY A 229 -28.75 5.17 24.72
C GLY A 229 -29.23 5.83 23.44
N ASN A 230 -28.90 7.10 23.24
CA ASN A 230 -29.24 7.77 21.98
C ASN A 230 -28.39 7.20 20.84
N MET A 231 -27.12 6.92 21.13
CA MET A 231 -26.26 6.27 20.15
C MET A 231 -26.74 4.85 19.85
N LEU A 232 -27.15 4.12 20.88
CA LEU A 232 -27.71 2.78 20.69
C LEU A 232 -28.91 2.83 19.75
N ALA A 233 -29.79 3.83 19.95
CA ALA A 233 -30.95 4.02 19.08
C ALA A 233 -30.57 4.30 17.62
N LYS A 234 -29.52 5.10 17.40
CA LYS A 234 -28.99 5.34 16.06
C LYS A 234 -28.44 4.05 15.44
N PHE A 235 -27.65 3.29 16.20
CA PHE A 235 -27.12 2.02 15.69
C PHE A 235 -28.20 1.00 15.36
N GLU A 236 -29.30 1.04 16.11
CA GLU A 236 -30.45 0.21 15.81
C GLU A 236 -31.01 0.43 14.40
N GLN A 237 -30.95 1.68 13.92
CA GLN A 237 -31.53 2.02 12.60
C GLN A 237 -30.88 1.27 11.44
N TYR A 238 -29.57 1.00 11.53
CA TYR A 238 -28.80 0.33 10.46
C TYR A 238 -28.32 -1.08 10.83
N ALA A 239 -28.73 -1.60 11.99
CA ALA A 239 -28.28 -2.90 12.47
C ALA A 239 -28.83 -4.09 11.68
N TYR A 240 -29.86 -3.85 10.85
CA TYR A 240 -30.51 -4.90 10.06
C TYR A 240 -30.29 -4.72 8.56
N SER A 241 -29.30 -3.90 8.20
CA SER A 241 -28.93 -3.60 6.84
C SER A 241 -27.54 -4.23 6.59
N VAL A 242 -27.53 -5.51 6.21
CA VAL A 242 -26.28 -6.27 6.10
C VAL A 242 -25.59 -5.91 4.79
N VAL A 243 -24.31 -5.53 4.87
CA VAL A 243 -23.56 -5.10 3.69
C VAL A 243 -23.29 -6.29 2.78
N ARG A 244 -23.73 -6.20 1.52
CA ARG A 244 -23.47 -7.24 0.52
C ARG A 244 -22.45 -6.78 -0.50
N ASP A 245 -22.60 -5.56 -1.01
CA ASP A 245 -21.66 -4.97 -1.96
C ASP A 245 -21.03 -3.75 -1.31
N ALA A 246 -19.79 -3.48 -1.71
CA ALA A 246 -19.11 -2.26 -1.29
C ALA A 246 -18.08 -1.93 -2.36
N VAL A 247 -18.14 -0.71 -2.90
N VAL A 247 -18.18 -0.74 -2.94
CA VAL A 247 -17.34 -0.30 -4.04
CA VAL A 247 -17.26 -0.34 -4.01
C VAL A 247 -16.71 1.06 -3.79
C VAL A 247 -16.68 1.04 -3.75
N ALA A 248 -15.42 1.19 -4.12
CA ALA A 248 -14.72 2.48 -4.09
C ALA A 248 -14.53 2.87 -5.55
N ASP A 249 -15.41 3.73 -6.05
CA ASP A 249 -15.36 4.21 -7.44
C ASP A 249 -14.69 5.57 -7.46
N TRP A 250 -13.86 5.82 -8.46
CA TRP A 250 -13.07 7.05 -8.51
C TRP A 250 -13.14 7.71 -9.88
N THR A 251 -12.89 9.02 -9.89
CA THR A 251 -12.66 9.77 -11.12
C THR A 251 -11.43 10.65 -10.96
N TYR A 252 -10.71 10.86 -12.06
CA TYR A 252 -9.60 11.81 -12.13
C TYR A 252 -10.02 12.95 -13.05
N ASP A 253 -10.10 14.15 -12.50
CA ASP A 253 -10.39 15.36 -13.27
C ASP A 253 -9.04 15.93 -13.68
N GLU A 254 -8.65 15.67 -14.92
CA GLU A 254 -7.33 16.07 -15.39
C GLU A 254 -7.12 17.61 -15.40
N ALA A 255 -8.17 18.37 -15.66
CA ALA A 255 -8.08 19.85 -15.65
C ALA A 255 -7.66 20.41 -14.29
N THR A 256 -8.25 19.89 -13.21
CA THR A 256 -8.03 20.42 -11.85
C THR A 256 -7.04 19.60 -11.00
N GLY A 257 -6.76 18.38 -11.42
CA GLY A 257 -5.97 17.44 -10.62
C GLY A 257 -6.76 16.69 -9.56
N THR A 258 -8.08 16.91 -9.48
CA THR A 258 -8.87 16.34 -8.39
C THR A 258 -9.15 14.86 -8.62
N VAL A 259 -8.82 14.04 -7.63
CA VAL A 259 -9.19 12.63 -7.59
C VAL A 259 -10.34 12.49 -6.59
N THR A 260 -11.50 12.10 -7.11
CA THR A 260 -12.72 11.97 -6.32
C THR A 260 -13.03 10.50 -6.17
N THR A 261 -13.26 10.04 -4.93
CA THR A 261 -13.55 8.64 -4.66
C THR A 261 -14.84 8.56 -3.87
N THR A 262 -15.80 7.78 -4.37
CA THR A 262 -17.06 7.57 -3.67
C THR A 262 -17.10 6.12 -3.19
N PHE A 263 -17.33 5.96 -1.89
CA PHE A 263 -17.43 4.68 -1.21
C PHE A 263 -18.90 4.41 -1.02
N GLU A 264 -19.40 3.34 -1.64
CA GLU A 264 -20.83 3.04 -1.67
C GLU A 264 -21.08 1.59 -1.28
N VAL A 265 -22.00 1.39 -0.33
CA VAL A 265 -22.46 0.04 0.03
C VAL A 265 -23.83 -0.25 -0.55
N THR A 266 -24.11 -1.54 -0.72
CA THR A 266 -25.47 -2.03 -0.99
C THR A 266 -25.75 -3.10 0.05
N THR A 267 -26.87 -2.92 0.76
CA THR A 267 -27.22 -3.79 1.86
C THR A 267 -28.46 -4.63 1.54
N GLU A 268 -28.63 -5.69 2.31
CA GLU A 268 -29.83 -6.52 2.30
C GLU A 268 -30.55 -6.38 3.63
N ALA A 269 -31.87 -6.14 3.56
CA ALA A 269 -32.70 -5.92 4.75
C ALA A 269 -32.98 -7.24 5.48
N LYS A 270 -32.69 -7.28 6.78
CA LYS A 270 -33.02 -8.43 7.61
C LYS A 270 -34.32 -8.25 8.42
N VAL A 271 -34.88 -7.05 8.39
CA VAL A 271 -36.25 -6.80 8.85
C VAL A 271 -36.94 -5.90 7.83
N GLN A 272 -38.27 -5.94 7.81
CA GLN A 272 -39.07 -5.07 6.93
C GLN A 272 -38.70 -3.61 7.07
N GLY A 273 -38.41 -2.98 5.93
CA GLY A 273 -38.18 -1.54 5.89
C GLY A 273 -36.79 -1.09 6.29
N ALA A 274 -35.86 -2.02 6.49
CA ALA A 274 -34.48 -1.64 6.84
C ALA A 274 -33.88 -0.78 5.71
N PRO A 275 -33.24 0.35 6.05
CA PRO A 275 -32.73 1.24 5.00
C PRO A 275 -31.53 0.67 4.25
N ASP A 276 -31.35 1.10 3.01
CA ASP A 276 -30.18 0.73 2.21
C ASP A 276 -29.03 1.67 2.55
N GLY A 277 -28.24 1.27 3.54
CA GLY A 277 -27.17 2.10 4.04
C GLY A 277 -26.57 1.47 5.29
N THR A 278 -25.59 2.15 5.85
CA THR A 278 -24.92 1.68 7.05
C THR A 278 -24.39 2.88 7.83
N ILE A 279 -23.64 2.60 8.89
CA ILE A 279 -22.84 3.60 9.55
C ILE A 279 -21.40 3.23 9.24
N PHE A 280 -20.70 4.12 8.55
CA PHE A 280 -19.28 3.96 8.24
C PHE A 280 -18.48 4.53 9.42
N ALA A 281 -17.29 3.97 9.65
CA ALA A 281 -16.29 4.60 10.50
C ALA A 281 -15.16 5.03 9.57
N LEU A 282 -14.93 6.35 9.49
CA LEU A 282 -13.92 6.90 8.59
C LEU A 282 -12.58 7.05 9.28
N TYR A 283 -11.51 6.77 8.54
CA TYR A 283 -10.14 7.00 8.98
C TYR A 283 -9.76 8.46 8.75
N PRO A 284 -8.72 8.96 9.45
CA PRO A 284 -8.22 10.32 9.21
C PRO A 284 -7.96 10.71 7.74
N HIS A 285 -7.33 9.83 6.95
CA HIS A 285 -7.06 10.13 5.54
C HIS A 285 -8.34 10.31 4.71
N GLN A 286 -9.46 9.78 5.18
CA GLN A 286 -10.75 10.00 4.54
C GLN A 286 -11.43 11.27 5.03
N TYR A 287 -11.69 11.38 6.33
CA TYR A 287 -12.51 12.50 6.80
C TYR A 287 -11.84 13.87 6.70
N ARG A 288 -10.50 13.90 6.72
CA ARG A 288 -9.78 15.15 6.49
C ARG A 288 -9.94 15.68 5.06
N HIS A 289 -10.42 14.81 4.16
CA HIS A 289 -10.67 15.14 2.76
C HIS A 289 -12.12 14.90 2.34
N LEU A 290 -13.04 14.95 3.29
CA LEU A 290 -14.44 14.67 3.02
C LEU A 290 -15.02 15.71 2.07
N ALA A 291 -15.77 15.27 1.06
CA ALA A 291 -16.46 16.21 0.15
C ALA A 291 -17.54 16.99 0.88
N SER A 292 -17.79 18.23 0.46
CA SER A 292 -18.83 19.06 1.06
C SER A 292 -20.19 18.36 1.10
N SER A 293 -20.51 17.66 0.02
CA SER A 293 -21.79 16.98 -0.11
C SER A 293 -22.00 15.83 0.88
N SER A 294 -20.91 15.29 1.45
CA SER A 294 -21.00 14.23 2.48
C SER A 294 -21.04 14.75 3.94
N GLU A 295 -20.76 16.03 4.13
CA GLU A 295 -20.62 16.61 5.48
C GLU A 295 -21.87 16.45 6.35
N ASN A 296 -23.05 16.58 5.73
CA ASN A 296 -24.33 16.46 6.45
C ASN A 296 -24.58 15.06 7.04
N GLN A 297 -23.87 14.05 6.52
CA GLN A 297 -24.01 12.67 6.99
C GLN A 297 -23.15 12.33 8.20
N LEU A 298 -22.22 13.20 8.57
CA LEU A 298 -21.36 12.97 9.75
C LEU A 298 -22.18 12.85 11.03
N LEU A 299 -21.77 11.92 11.90
CA LEU A 299 -22.33 11.76 13.22
C LEU A 299 -21.26 12.34 14.15
N GLN A 300 -21.33 13.64 14.42
CA GLN A 300 -20.18 14.40 14.96
C GLN A 300 -19.44 13.78 16.18
N ASN A 301 -20.18 13.39 17.21
CA ASN A 301 -19.57 12.86 18.44
C ASN A 301 -19.32 11.34 18.44
N TYR A 302 -19.42 10.70 17.28
CA TYR A 302 -19.25 9.25 17.18
C TYR A 302 -17.80 8.96 16.86
N GLN A 303 -16.95 8.93 17.88
CA GLN A 303 -15.50 8.71 17.71
C GLN A 303 -15.05 7.36 18.25
N TYR A 304 -14.08 6.76 17.58
CA TYR A 304 -13.40 5.54 18.07
C TYR A 304 -11.90 5.76 18.05
N GLU A 305 -11.22 5.39 19.12
CA GLU A 305 -9.75 5.41 19.13
C GLU A 305 -9.22 4.08 18.63
N ILE A 306 -8.28 4.15 17.69
CA ILE A 306 -7.63 2.95 17.13
C ILE A 306 -6.14 3.24 16.96
N ILE A 307 -5.38 2.25 16.50
CA ILE A 307 -3.95 2.44 16.20
C ILE A 307 -3.69 3.64 15.26
N ARG A 308 -4.58 3.86 14.30
CA ARG A 308 -4.45 4.95 13.32
C ARG A 308 -5.06 6.29 13.75
N GLY A 309 -5.33 6.46 15.04
CA GLY A 309 -5.85 7.73 15.55
C GLY A 309 -7.33 7.60 15.86
N THR A 310 -8.11 8.59 15.43
CA THR A 310 -9.51 8.68 15.75
C THR A 310 -10.31 8.40 14.50
N MET A 311 -11.22 7.42 14.57
CA MET A 311 -12.22 7.19 13.53
C MET A 311 -13.46 8.00 13.86
N ILE A 312 -14.21 8.41 12.84
CA ILE A 312 -15.49 9.08 13.07
C ILE A 312 -16.63 8.43 12.28
N GLY A 313 -17.82 8.44 12.88
CA GLY A 313 -19.02 7.88 12.27
C GLY A 313 -19.64 8.77 11.20
N LEU A 314 -20.23 8.12 10.20
CA LEU A 314 -20.95 8.79 9.11
C LEU A 314 -22.04 7.86 8.65
N GLU A 315 -23.26 8.36 8.47
CA GLU A 315 -24.39 7.47 8.14
C GLU A 315 -24.83 7.59 6.70
N GLY A 316 -25.28 6.49 6.13
CA GLY A 316 -25.95 6.50 4.83
C GLY A 316 -25.42 5.43 3.90
N LYS A 317 -25.68 5.65 2.61
CA LYS A 317 -25.35 4.68 1.57
C LYS A 317 -23.94 4.87 1.04
N ARG A 318 -23.45 6.11 1.08
CA ARG A 318 -22.19 6.44 0.44
C ARG A 318 -21.58 7.68 1.05
N PHE A 319 -20.27 7.84 0.83
CA PHE A 319 -19.58 9.10 1.11
C PHE A 319 -18.47 9.28 0.10
N THR A 320 -17.99 10.52 -0.02
CA THR A 320 -17.02 10.87 -1.06
C THR A 320 -15.82 11.61 -0.46
N THR A 321 -14.63 11.28 -0.93
CA THR A 321 -13.41 12.03 -0.59
C THR A 321 -12.87 12.71 -1.83
N GLU A 322 -12.14 13.80 -1.62
CA GLU A 322 -11.51 14.57 -2.70
C GLU A 322 -10.05 14.84 -2.37
N LEU A 323 -9.17 14.46 -3.30
CA LEU A 323 -7.73 14.59 -3.15
C LEU A 323 -7.17 15.31 -4.36
N THR A 324 -5.92 15.76 -4.23
CA THR A 324 -5.22 16.47 -5.31
C THR A 324 -4.01 15.68 -5.77
N TYR A 325 -4.06 15.19 -7.01
CA TYR A 325 -2.90 14.61 -7.67
C TYR A 325 -1.88 15.73 -7.98
N PRO A 326 -0.62 15.59 -7.53
CA PRO A 326 0.36 16.67 -7.66
C PRO A 326 1.26 16.62 -8.90
N GLY A 327 1.06 15.64 -9.79
CA GLY A 327 1.96 15.41 -10.92
C GLY A 327 3.12 14.50 -10.56
N VAL A 328 3.75 13.94 -11.58
CA VAL A 328 5.03 13.26 -11.45
C VAL A 328 5.88 13.62 -12.66
N LEU A 329 7.19 13.34 -12.56
CA LEU A 329 8.13 13.52 -13.68
C LEU A 329 8.86 12.22 -13.99
N PRO A 330 9.34 12.06 -15.25
CA PRO A 330 10.21 10.92 -15.57
C PRO A 330 11.60 10.99 -14.90
N SER A 331 12.02 12.21 -14.57
N SER A 331 12.01 12.21 -14.58
CA SER A 331 13.27 12.48 -13.90
CA SER A 331 13.30 12.50 -13.99
C SER A 331 13.23 13.95 -13.57
C SER A 331 13.26 13.97 -13.60
N LEU A 332 14.14 14.39 -12.70
CA LEU A 332 14.39 15.83 -12.54
C LEU A 332 15.07 16.30 -13.83
N PRO A 333 14.77 17.53 -14.29
CA PRO A 333 15.40 18.07 -15.49
C PRO A 333 16.83 18.57 -15.19
N ASP A 334 17.47 19.16 -16.20
CA ASP A 334 18.82 19.72 -16.07
C ASP A 334 18.72 21.20 -15.66
N LEU A 335 18.53 21.43 -14.36
CA LEU A 335 18.43 22.80 -13.83
C LEU A 335 19.39 23.10 -12.68
N GLY A 336 20.28 22.17 -12.34
CA GLY A 336 21.19 22.34 -11.22
C GLY A 336 22.42 23.16 -11.58
N ASP A 337 23.08 23.67 -10.54
CA ASP A 337 24.36 24.41 -10.64
C ASP A 337 25.56 23.50 -10.34
N TYR A 338 25.51 22.28 -10.86
CA TYR A 338 26.59 21.29 -10.70
C TYR A 338 27.74 21.58 -11.65
N ASP A 339 28.92 21.07 -11.31
CA ASP A 339 30.03 20.94 -12.23
C ASP A 339 29.65 19.85 -13.25
N ARG A 340 29.36 20.24 -14.49
CA ARG A 340 28.91 19.29 -15.51
C ARG A 340 29.91 18.16 -15.78
N GLU A 341 31.20 18.47 -15.78
CA GLU A 341 32.25 17.45 -15.96
C GLU A 341 32.36 16.48 -14.79
N ARG A 342 32.15 16.97 -13.57
CA ARG A 342 32.13 16.12 -12.38
C ARG A 342 30.95 15.13 -12.43
N LEU A 343 29.79 15.61 -12.88
CA LEU A 343 28.60 14.75 -13.01
C LEU A 343 28.82 13.71 -14.10
N ILE A 344 29.37 14.16 -15.24
CA ILE A 344 29.74 13.25 -16.33
C ILE A 344 30.68 12.14 -15.84
N GLY A 345 31.65 12.50 -15.00
CA GLY A 345 32.54 11.52 -14.39
C GLY A 345 31.80 10.50 -13.55
N TYR A 346 30.88 10.98 -12.71
CA TYR A 346 30.02 10.08 -11.91
C TYR A 346 29.15 9.17 -12.79
N LEU A 347 28.65 9.68 -13.91
CA LEU A 347 27.86 8.86 -14.83
C LEU A 347 28.68 7.70 -15.38
N HIS A 348 29.93 7.97 -15.77
CA HIS A 348 30.84 6.91 -16.24
C HIS A 348 31.26 5.95 -15.13
N ASP A 349 31.44 6.46 -13.90
CA ASP A 349 31.72 5.60 -12.74
C ASP A 349 30.65 4.53 -12.53
N ALA A 350 29.40 4.88 -12.83
CA ALA A 350 28.24 3.99 -12.65
C ALA A 350 28.22 2.76 -13.55
N THR A 351 29.04 2.75 -14.62
CA THR A 351 29.20 1.54 -15.43
C THR A 351 29.85 0.38 -14.65
N SER A 352 30.52 0.68 -13.54
CA SER A 352 31.07 -0.36 -12.65
C SER A 352 30.01 -1.06 -11.79
N ASP A 353 28.81 -0.49 -11.68
CA ASP A 353 27.77 -1.05 -10.82
C ASP A 353 27.20 -2.33 -11.43
N TYR A 354 26.76 -3.24 -10.56
CA TYR A 354 26.13 -4.49 -10.96
C TYR A 354 25.11 -4.94 -9.91
N PRO A 355 24.15 -5.81 -10.29
CA PRO A 355 23.18 -6.26 -9.29
C PRO A 355 23.81 -7.16 -8.22
N THR A 356 23.37 -7.01 -6.97
CA THR A 356 23.91 -7.80 -5.85
C THR A 356 23.15 -9.11 -5.61
N GLY A 357 22.30 -9.50 -6.56
CA GLY A 357 21.64 -10.80 -6.50
C GLY A 357 20.89 -11.06 -7.79
N SER A 358 20.37 -12.27 -7.93
CA SER A 358 19.70 -12.71 -9.14
C SER A 358 18.18 -12.65 -9.02
N ASP A 359 17.68 -12.35 -7.82
CA ASP A 359 16.22 -12.31 -7.58
C ASP A 359 15.60 -11.03 -8.14
N THR A 360 14.27 -11.02 -8.24
CA THR A 360 13.52 -9.89 -8.81
C THR A 360 13.76 -8.56 -8.10
N TYR A 361 14.04 -8.58 -6.80
CA TYR A 361 14.22 -7.35 -6.05
C TYR A 361 15.60 -6.73 -6.30
N GLU A 362 16.65 -7.53 -6.11
CA GLU A 362 18.02 -7.03 -6.33
C GLU A 362 18.26 -6.68 -7.79
N LEU A 363 17.72 -7.48 -8.70
CA LEU A 363 17.75 -7.14 -10.11
C LEU A 363 16.94 -5.86 -10.36
N GLY A 364 15.78 -5.77 -9.72
CA GLY A 364 14.96 -4.56 -9.74
C GLY A 364 15.73 -3.31 -9.33
N LYS A 365 16.43 -3.36 -8.20
CA LYS A 365 17.18 -2.20 -7.72
C LYS A 365 18.21 -1.73 -8.74
N TYR A 366 18.85 -2.70 -9.39
CA TYR A 366 19.86 -2.42 -10.41
C TYR A 366 19.28 -1.75 -11.67
N ILE A 367 18.19 -2.30 -12.21
CA ILE A 367 17.57 -1.69 -13.39
C ILE A 367 16.92 -0.33 -13.10
N GLY A 368 16.44 -0.12 -11.87
CA GLY A 368 16.01 1.20 -11.43
C GLY A 368 17.16 2.21 -11.44
N LYS A 369 18.31 1.77 -10.96
CA LYS A 369 19.54 2.58 -10.99
C LYS A 369 19.89 3.00 -12.43
N LEU A 370 19.90 2.06 -13.36
CA LEU A 370 20.22 2.38 -14.77
C LEU A 370 19.19 3.32 -15.41
N ALA A 371 17.91 3.08 -15.13
CA ALA A 371 16.85 3.91 -15.66
C ALA A 371 16.91 5.34 -15.12
N THR A 372 17.43 5.51 -13.90
CA THR A 372 17.64 6.83 -13.31
C THR A 372 18.83 7.58 -13.94
N LEU A 373 19.88 6.84 -14.28
CA LEU A 373 21.10 7.40 -14.91
C LEU A 373 20.90 7.85 -16.35
N ALA A 374 20.13 7.09 -17.14
CA ALA A 374 19.96 7.38 -18.59
C ALA A 374 19.47 8.81 -18.95
N PRO A 375 18.40 9.30 -18.29
CA PRO A 375 17.99 10.69 -18.57
C PRO A 375 19.04 11.75 -18.16
N ILE A 376 19.83 11.47 -17.14
CA ILE A 376 20.88 12.39 -16.69
C ILE A 376 22.03 12.36 -17.71
N ALA A 377 22.38 11.18 -18.21
CA ALA A 377 23.31 11.07 -19.34
C ALA A 377 22.85 11.87 -20.57
N ASP A 378 21.56 11.73 -20.93
CA ASP A 378 20.96 12.52 -22.03
C ASP A 378 21.14 14.02 -21.81
N GLN A 379 20.82 14.47 -20.59
CA GLN A 379 20.96 15.88 -20.21
C GLN A 379 22.38 16.42 -20.34
N MET A 380 23.35 15.63 -19.91
CA MET A 380 24.77 16.01 -19.99
C MET A 380 25.38 15.90 -21.41
N GLY A 381 24.58 15.56 -22.42
CA GLY A 381 25.08 15.37 -23.79
C GLY A 381 25.73 14.03 -24.06
N GLU A 382 25.75 13.15 -23.06
CA GLU A 382 26.39 11.83 -23.18
C GLU A 382 25.39 10.83 -23.77
N TYR A 383 24.96 11.08 -25.01
CA TYR A 383 23.90 10.30 -25.64
C TYR A 383 24.31 8.85 -25.82
N GLU A 384 25.58 8.62 -26.13
CA GLU A 384 26.09 7.26 -26.32
C GLU A 384 26.09 6.45 -25.02
N LEU A 385 26.45 7.08 -23.90
CA LEU A 385 26.38 6.44 -22.58
C LEU A 385 24.94 6.17 -22.16
N ALA A 386 24.04 7.13 -22.42
CA ALA A 386 22.62 6.94 -22.16
C ALA A 386 22.07 5.74 -22.93
N GLU A 387 22.50 5.62 -24.18
CA GLU A 387 22.16 4.46 -25.02
C GLU A 387 22.72 3.15 -24.46
N GLN A 388 23.93 3.17 -23.90
CA GLN A 388 24.47 1.99 -23.24
C GLN A 388 23.55 1.51 -22.12
N PHE A 389 23.14 2.45 -21.28
CA PHE A 389 22.28 2.14 -20.15
C PHE A 389 20.93 1.59 -20.60
N ARG A 390 20.30 2.24 -21.58
CA ARG A 390 19.02 1.77 -22.11
C ARG A 390 19.16 0.43 -22.85
N GLY A 391 20.29 0.22 -23.52
CA GLY A 391 20.59 -1.08 -24.12
C GLY A 391 20.73 -2.19 -23.09
N GLU A 392 21.35 -1.87 -21.95
CA GLU A 392 21.45 -2.82 -20.85
C GLU A 392 20.07 -3.14 -20.25
N LEU A 393 19.22 -2.12 -20.15
CA LEU A 393 17.84 -2.32 -19.69
C LEU A 393 17.07 -3.26 -20.64
N LYS A 394 17.17 -2.99 -21.94
CA LYS A 394 16.54 -3.85 -22.96
C LYS A 394 17.01 -5.30 -22.86
N ASP A 395 18.32 -5.52 -22.77
CA ASP A 395 18.85 -6.88 -22.68
C ASP A 395 18.30 -7.64 -21.47
N ILE A 396 18.21 -6.95 -20.32
CA ILE A 396 17.70 -7.55 -19.08
C ILE A 396 16.20 -7.84 -19.20
N LEU A 397 15.43 -6.86 -19.67
CA LEU A 397 13.98 -7.04 -19.79
C LEU A 397 13.62 -8.06 -20.85
N GLU A 398 14.28 -8.02 -22.00
CA GLU A 398 14.02 -9.01 -23.06
C GLU A 398 14.33 -10.44 -22.59
N ASP A 399 15.28 -10.59 -21.67
CA ASP A 399 15.58 -11.89 -21.05
C ASP A 399 14.42 -12.29 -20.12
N TRP A 400 14.17 -11.47 -19.10
CA TRP A 400 13.16 -11.77 -18.08
C TRP A 400 11.74 -11.93 -18.63
N LEU A 401 11.39 -11.16 -19.65
CA LEU A 401 10.06 -11.21 -20.23
C LEU A 401 9.83 -12.37 -21.22
N GLN A 402 10.83 -13.24 -21.40
N GLN A 402 10.82 -13.24 -21.42
CA GLN A 402 10.69 -14.49 -22.13
CA GLN A 402 10.68 -14.50 -22.18
C GLN A 402 10.80 -15.66 -21.17
C GLN A 402 10.83 -15.69 -21.25
N ALA A 403 9.82 -16.55 -21.19
CA ALA A 403 9.84 -17.73 -20.31
C ALA A 403 10.61 -18.92 -20.90
N THR A 404 10.84 -18.91 -22.22
CA THR A 404 11.49 -20.02 -22.90
C THR A 404 12.90 -19.67 -23.38
N ASN A 405 13.76 -20.69 -23.42
CA ASN A 405 15.13 -20.52 -23.90
C ASN A 405 15.18 -20.71 -25.44
N ALA A 406 16.37 -20.66 -26.01
CA ALA A 406 16.56 -20.83 -27.46
C ALA A 406 15.94 -22.12 -28.03
N SER A 407 15.95 -23.20 -27.23
CA SER A 407 15.36 -24.48 -27.67
C SER A 407 13.83 -24.53 -27.59
N GLY A 408 13.22 -23.62 -26.83
CA GLY A 408 11.77 -23.59 -26.65
C GLY A 408 11.31 -24.22 -25.35
N GLN A 409 12.24 -24.69 -24.52
CA GLN A 409 11.91 -25.23 -23.20
C GLN A 409 11.90 -24.10 -22.16
N LEU A 410 11.17 -24.31 -21.07
CA LEU A 410 11.16 -23.34 -19.98
C LEU A 410 12.53 -23.14 -19.38
N LYS A 411 12.87 -21.89 -19.12
CA LYS A 411 14.07 -21.53 -18.39
C LYS A 411 13.95 -21.92 -16.92
N GLY A 412 15.10 -21.94 -16.24
CA GLY A 412 15.17 -22.23 -14.80
C GLY A 412 15.35 -21.02 -13.90
N LYS A 413 15.54 -19.85 -14.52
CA LYS A 413 15.66 -18.57 -13.82
C LYS A 413 15.48 -17.43 -14.82
N ASN A 414 15.31 -16.22 -14.30
CA ASN A 414 15.03 -15.01 -15.09
C ASN A 414 13.76 -15.20 -15.93
N LEU A 415 12.67 -15.55 -15.26
CA LEU A 415 11.38 -15.68 -15.95
C LEU A 415 10.21 -15.45 -15.01
N PHE A 416 9.06 -15.28 -15.63
CA PHE A 416 7.78 -15.15 -14.94
C PHE A 416 6.88 -16.35 -15.20
N TYR A 417 6.10 -16.71 -14.18
CA TYR A 417 5.24 -17.88 -14.17
C TYR A 417 3.87 -17.51 -13.62
N TYR A 418 2.81 -18.00 -14.25
CA TYR A 418 1.47 -17.77 -13.77
C TYR A 418 1.03 -18.93 -12.88
N ASN A 419 0.93 -18.67 -11.59
CA ASN A 419 0.32 -19.60 -10.64
C ASN A 419 -1.19 -19.53 -10.84
N GLU A 420 -1.79 -20.63 -11.31
CA GLU A 420 -3.23 -20.66 -11.60
C GLU A 420 -4.09 -20.79 -10.34
N ASN A 421 -3.59 -21.49 -9.34
CA ASN A 421 -4.33 -21.74 -8.08
C ASN A 421 -4.85 -20.43 -7.49
N TRP A 422 -3.93 -19.49 -7.24
CA TRP A 422 -4.28 -18.15 -6.75
C TRP A 422 -4.58 -17.19 -7.89
N GLY A 423 -3.81 -17.26 -8.97
CA GLY A 423 -3.95 -16.33 -10.09
C GLY A 423 -3.02 -15.16 -9.89
N THR A 424 -1.74 -15.42 -10.09
CA THR A 424 -0.71 -14.40 -9.88
C THR A 424 0.54 -14.73 -10.69
N ILE A 425 1.21 -13.68 -11.17
CA ILE A 425 2.50 -13.81 -11.84
C ILE A 425 3.61 -13.80 -10.79
N LEU A 426 4.41 -14.87 -10.77
CA LEU A 426 5.55 -15.02 -9.87
C LEU A 426 6.82 -14.94 -10.70
N GLY A 427 7.84 -14.27 -10.17
CA GLY A 427 9.13 -14.14 -10.85
C GLY A 427 10.18 -14.98 -10.15
N TYR A 428 11.00 -15.71 -10.94
CA TYR A 428 12.10 -16.50 -10.40
C TYR A 428 13.41 -16.06 -11.04
N HIS A 429 14.49 -15.85 -10.26
CA HIS A 429 14.53 -16.10 -8.82
C HIS A 429 13.68 -15.12 -7.99
N ALA A 430 13.11 -15.65 -6.92
CA ALA A 430 12.28 -14.91 -5.96
C ALA A 430 13.05 -14.60 -4.67
N ALA A 431 12.56 -13.60 -3.95
CA ALA A 431 13.13 -13.21 -2.67
C ALA A 431 12.08 -12.46 -1.86
N HIS A 432 12.29 -12.34 -0.56
CA HIS A 432 11.34 -11.65 0.34
C HIS A 432 9.94 -12.28 0.33
N SER A 433 9.91 -13.57 -0.01
CA SER A 433 8.69 -14.36 -0.13
C SER A 433 7.73 -13.83 -1.20
N SER A 434 8.28 -13.21 -2.26
CA SER A 434 7.51 -12.74 -3.40
C SER A 434 6.73 -13.87 -4.08
N ALA A 435 7.29 -15.09 -4.09
CA ALA A 435 6.63 -16.24 -4.67
C ALA A 435 5.89 -17.07 -3.61
N THR A 436 6.55 -17.38 -2.50
CA THR A 436 5.95 -18.29 -1.49
C THR A 436 4.82 -17.67 -0.67
N ARG A 437 4.84 -16.35 -0.49
CA ARG A 437 3.76 -15.65 0.23
C ARG A 437 3.03 -14.61 -0.65
N ILE A 438 3.36 -14.53 -1.94
CA ILE A 438 2.81 -13.50 -2.84
C ILE A 438 3.06 -12.09 -2.26
N ASN A 439 4.28 -11.87 -1.77
CA ASN A 439 4.65 -10.58 -1.17
C ASN A 439 5.21 -9.59 -2.19
N ASP A 440 4.99 -8.31 -1.92
CA ASP A 440 5.84 -7.24 -2.47
C ASP A 440 5.83 -7.12 -4.01
N HIS A 441 4.75 -7.52 -4.69
CA HIS A 441 4.76 -7.47 -6.16
C HIS A 441 4.84 -6.04 -6.70
N HIS A 442 4.21 -5.08 -6.03
CA HIS A 442 4.43 -3.65 -6.33
C HIS A 442 5.89 -3.20 -6.17
N PHE A 443 6.53 -3.61 -5.08
CA PHE A 443 7.89 -3.18 -4.77
C PHE A 443 8.82 -3.69 -5.87
N HIS A 444 8.72 -4.99 -6.18
CA HIS A 444 9.62 -5.62 -7.16
C HIS A 444 9.31 -5.22 -8.58
N TYR A 445 8.06 -5.43 -8.99
CA TYR A 445 7.69 -5.20 -10.39
C TYR A 445 7.67 -3.72 -10.73
N GLY A 446 7.53 -2.86 -9.72
CA GLY A 446 7.69 -1.42 -9.92
C GLY A 446 9.01 -1.02 -10.57
N TYR A 447 10.08 -1.73 -10.22
CA TYR A 447 11.40 -1.47 -10.81
C TYR A 447 11.46 -1.92 -12.27
N PHE A 448 10.79 -3.02 -12.60
CA PHE A 448 10.68 -3.49 -13.99
C PHE A 448 9.91 -2.48 -14.85
N VAL A 449 8.85 -1.88 -14.28
CA VAL A 449 8.05 -0.88 -15.00
C VAL A 449 8.87 0.40 -15.18
N LYS A 450 9.70 0.76 -14.19
CA LYS A 450 10.60 1.90 -14.31
C LYS A 450 11.52 1.75 -15.53
N ALA A 451 12.16 0.58 -15.63
CA ALA A 451 13.04 0.27 -16.77
C ALA A 451 12.30 0.36 -18.09
N ALA A 452 11.11 -0.23 -18.12
CA ALA A 452 10.27 -0.19 -19.32
C ALA A 452 9.86 1.24 -19.71
N ALA A 453 9.52 2.06 -18.71
CA ALA A 453 9.10 3.44 -18.93
C ALA A 453 10.23 4.32 -19.50
N GLU A 454 11.45 4.10 -19.01
CA GLU A 454 12.61 4.83 -19.52
C GLU A 454 12.92 4.40 -20.97
N ILE A 455 12.80 3.11 -21.26
CA ILE A 455 12.95 2.62 -22.64
C ILE A 455 11.90 3.26 -23.53
N ALA A 456 10.65 3.23 -23.07
CA ALA A 456 9.52 3.78 -23.82
C ALA A 456 9.62 5.28 -24.09
N ARG A 457 10.25 6.02 -23.16
CA ARG A 457 10.48 7.46 -23.34
C ARG A 457 11.37 7.76 -24.56
N ALA A 458 12.30 6.84 -24.86
CA ALA A 458 13.21 6.97 -26.01
C ALA A 458 12.83 6.10 -27.22
N ASP A 459 12.01 5.08 -27.01
CA ASP A 459 11.71 4.07 -28.03
C ASP A 459 10.28 3.53 -27.88
N GLN A 460 9.34 4.21 -28.53
CA GLN A 460 7.93 3.82 -28.50
C GLN A 460 7.69 2.47 -29.15
N GLU A 461 8.48 2.13 -30.16
CA GLU A 461 8.35 0.87 -30.89
C GLU A 461 8.51 -0.34 -29.97
N TRP A 462 9.59 -0.34 -29.18
CA TRP A 462 9.90 -1.41 -28.23
C TRP A 462 8.73 -1.70 -27.29
N ALA A 463 8.07 -0.62 -26.86
CA ALA A 463 6.99 -0.65 -25.88
C ALA A 463 5.61 -1.01 -26.43
N LYS A 464 5.48 -1.16 -27.75
CA LYS A 464 4.20 -1.61 -28.34
C LYS A 464 3.80 -2.98 -27.81
N SER A 465 2.49 -3.22 -27.74
N SER A 465 2.49 -3.22 -27.75
CA SER A 465 1.95 -4.46 -27.16
CA SER A 465 1.93 -4.45 -27.17
C SER A 465 2.44 -5.73 -27.85
C SER A 465 2.44 -5.72 -27.85
N GLU A 466 2.52 -5.68 -29.18
CA GLU A 466 3.02 -6.83 -29.98
C GLU A 466 4.53 -7.08 -29.82
N ASN A 467 5.26 -6.07 -29.33
CA ASN A 467 6.67 -6.22 -28.98
C ASN A 467 6.82 -6.57 -27.50
N TRP A 468 7.38 -5.68 -26.67
CA TRP A 468 7.65 -6.02 -25.26
C TRP A 468 6.63 -5.42 -24.29
N GLY A 469 5.76 -4.55 -24.79
CA GLY A 469 4.74 -3.89 -23.96
C GLY A 469 3.69 -4.80 -23.38
N GLY A 470 3.32 -5.85 -24.12
CA GLY A 470 2.36 -6.84 -23.65
C GLY A 470 2.74 -7.47 -22.33
N MET A 471 4.01 -7.88 -22.23
CA MET A 471 4.50 -8.50 -21.00
C MET A 471 4.61 -7.52 -19.84
N ILE A 472 5.01 -6.28 -20.12
CA ILE A 472 5.02 -5.23 -19.09
C ILE A 472 3.59 -4.96 -18.59
N ASP A 473 2.63 -4.85 -19.51
N ASP A 473 2.64 -4.84 -19.53
CA ASP A 473 1.23 -4.65 -19.11
CA ASP A 473 1.22 -4.70 -19.20
C ASP A 473 0.70 -5.85 -18.29
C ASP A 473 0.72 -5.84 -18.31
N LEU A 474 1.20 -7.05 -18.58
CA LEU A 474 0.86 -8.23 -17.77
C LEU A 474 1.36 -8.13 -16.31
N LEU A 475 2.62 -7.71 -16.15
CA LEU A 475 3.17 -7.49 -14.80
C LEU A 475 2.36 -6.46 -14.03
N ILE A 476 1.97 -5.38 -14.71
CA ILE A 476 1.19 -4.31 -14.09
C ILE A 476 -0.19 -4.84 -13.69
N ARG A 477 -0.81 -5.64 -14.55
CA ARG A 477 -2.08 -6.27 -14.23
C ARG A 477 -1.99 -7.15 -12.99
N ASP A 478 -0.87 -7.85 -12.81
CA ASP A 478 -0.73 -8.68 -11.61
C ASP A 478 -0.93 -7.86 -10.33
N PHE A 479 -0.27 -6.71 -10.24
CA PHE A 479 -0.28 -5.93 -9.00
C PHE A 479 -1.34 -4.82 -8.90
N MET A 480 -1.99 -4.46 -10.00
CA MET A 480 -3.02 -3.41 -9.99
C MET A 480 -4.08 -3.56 -11.10
N ALA A 481 -4.58 -4.78 -11.25
CA ALA A 481 -5.62 -5.06 -12.25
C ALA A 481 -6.87 -4.23 -12.05
N ASP A 482 -7.53 -3.95 -13.16
CA ASP A 482 -8.86 -3.37 -13.13
C ASP A 482 -9.88 -4.48 -12.81
N ARG A 483 -11.15 -4.12 -12.74
CA ARG A 483 -12.20 -5.10 -12.45
C ARG A 483 -12.37 -6.06 -13.63
N ASP A 484 -12.91 -7.23 -13.32
CA ASP A 484 -13.20 -8.26 -14.34
C ASP A 484 -11.98 -8.66 -15.19
N ASP A 485 -10.82 -8.72 -14.55
CA ASP A 485 -9.61 -9.21 -15.19
C ASP A 485 -9.64 -10.73 -15.07
N ASP A 486 -9.52 -11.42 -16.20
CA ASP A 486 -9.62 -12.89 -16.22
C ASP A 486 -8.49 -13.61 -15.47
N LEU A 487 -7.33 -12.97 -15.33
CA LEU A 487 -6.18 -13.62 -14.70
C LEU A 487 -5.92 -13.20 -13.26
N PHE A 488 -6.36 -12.00 -12.88
CA PHE A 488 -5.92 -11.37 -11.63
C PHE A 488 -7.06 -10.75 -10.84
N PRO A 489 -6.95 -10.76 -9.49
CA PRO A 489 -7.97 -10.07 -8.68
C PRO A 489 -7.84 -8.54 -8.80
N TYR A 490 -8.88 -7.83 -8.37
CA TYR A 490 -8.94 -6.37 -8.45
C TYR A 490 -7.91 -5.68 -7.56
N LEU A 491 -7.09 -4.82 -8.16
CA LEU A 491 -6.13 -3.96 -7.46
C LEU A 491 -5.41 -4.71 -6.34
N ARG A 492 -4.70 -5.77 -6.71
CA ARG A 492 -4.13 -6.69 -5.73
C ARG A 492 -3.54 -6.00 -4.50
N MET A 493 -2.60 -5.10 -4.71
CA MET A 493 -1.84 -4.56 -3.59
C MET A 493 -2.66 -3.62 -2.71
N PHE A 494 -3.66 -2.96 -3.30
CA PHE A 494 -4.24 -1.78 -2.66
C PHE A 494 -5.48 -2.11 -1.85
N ASP A 495 -5.58 -1.46 -0.70
CA ASP A 495 -6.79 -1.49 0.12
C ASP A 495 -7.44 -0.11 -0.07
N PRO A 496 -8.54 -0.03 -0.85
CA PRO A 496 -9.11 1.29 -1.15
C PRO A 496 -9.65 2.08 0.05
N TYR A 497 -10.01 1.38 1.12
CA TYR A 497 -10.61 2.01 2.30
C TYR A 497 -9.54 2.40 3.31
N SER A 498 -8.64 1.46 3.64
CA SER A 498 -7.49 1.78 4.51
C SER A 498 -6.57 2.81 3.87
N GLY A 499 -6.56 2.85 2.54
CA GLY A 499 -5.89 3.92 1.78
C GLY A 499 -4.45 3.63 1.43
N ASN A 500 -3.98 2.42 1.72
CA ASN A 500 -2.60 2.04 1.50
C ASN A 500 -2.53 0.64 0.92
N SER A 501 -1.34 0.29 0.42
N SER A 501 -1.36 0.29 0.38
CA SER A 501 -1.05 -1.03 -0.07
CA SER A 501 -1.15 -1.06 -0.11
C SER A 501 -0.66 -1.90 1.12
C SER A 501 -0.62 -1.90 1.05
N TRP A 502 -0.88 -3.20 1.00
CA TRP A 502 -0.45 -4.17 2.01
C TRP A 502 0.52 -5.12 1.33
N ALA A 503 1.68 -5.27 1.93
CA ALA A 503 2.81 -5.94 1.27
C ALA A 503 2.74 -7.46 1.33
N ASP A 504 2.15 -8.04 2.37
CA ASP A 504 2.12 -9.50 2.53
C ASP A 504 0.93 -10.13 1.80
N GLY A 505 1.18 -11.09 0.93
CA GLY A 505 0.10 -11.75 0.22
C GLY A 505 -0.86 -12.55 1.08
N LEU A 506 -0.36 -13.14 2.16
CA LEU A 506 -1.11 -14.10 2.98
C LEU A 506 -1.76 -13.50 4.25
N ALA A 507 -1.09 -12.51 4.85
CA ALA A 507 -1.57 -11.77 6.03
C ALA A 507 -1.69 -12.63 7.29
N THR A 508 -0.93 -13.74 7.33
CA THR A 508 -1.00 -14.71 8.43
C THR A 508 -0.14 -14.26 9.63
N PHE A 509 -0.52 -13.11 10.19
CA PHE A 509 0.10 -12.53 11.36
C PHE A 509 -1.00 -12.07 12.30
N ASP A 510 -0.74 -12.07 13.60
CA ASP A 510 -1.73 -11.59 14.58
C ASP A 510 -1.82 -10.05 14.66
N ALA A 511 -0.98 -9.33 13.93
CA ALA A 511 -1.11 -7.89 13.78
C ALA A 511 -1.83 -7.49 12.47
N GLY A 512 -2.38 -8.46 11.76
CA GLY A 512 -3.00 -8.25 10.45
C GLY A 512 -1.95 -8.19 9.37
N ASN A 513 -2.20 -7.41 8.33
CA ASN A 513 -1.23 -7.24 7.25
C ASN A 513 -0.33 -6.05 7.56
N ASN A 514 0.72 -5.87 6.75
CA ASN A 514 1.72 -4.82 7.00
C ASN A 514 2.22 -4.17 5.73
N GLN A 515 2.77 -2.97 5.88
CA GLN A 515 3.59 -2.38 4.83
C GLN A 515 4.76 -1.61 5.44
N GLN A 516 5.96 -1.91 4.94
CA GLN A 516 7.18 -1.21 5.34
C GLN A 516 7.52 -0.06 4.38
N SER A 517 7.99 -0.34 3.16
CA SER A 517 8.41 0.74 2.26
C SER A 517 7.25 1.35 1.48
N SER A 518 6.61 2.35 2.08
CA SER A 518 5.57 3.09 1.37
C SER A 518 6.12 3.84 0.17
N SER A 519 7.42 4.17 0.20
CA SER A 519 8.06 4.83 -0.92
C SER A 519 8.26 3.90 -2.13
N GLU A 520 8.50 2.61 -1.89
CA GLU A 520 8.56 1.66 -3.01
C GLU A 520 7.17 1.40 -3.62
N ALA A 521 6.11 1.54 -2.82
CA ALA A 521 4.75 1.49 -3.37
C ALA A 521 4.50 2.71 -4.26
N MET A 522 4.81 3.90 -3.77
CA MET A 522 4.66 5.14 -4.55
C MET A 522 5.51 5.14 -5.83
N HIS A 523 6.68 4.51 -5.75
CA HIS A 523 7.57 4.29 -6.90
C HIS A 523 6.86 3.47 -7.99
N ALA A 524 6.22 2.38 -7.58
CA ALA A 524 5.43 1.54 -8.50
C ALA A 524 4.34 2.34 -9.18
N TRP A 525 3.55 3.08 -8.39
CA TRP A 525 2.44 3.87 -8.96
C TRP A 525 2.97 4.93 -9.92
N THR A 526 4.04 5.63 -9.53
CA THR A 526 4.70 6.59 -10.43
C THR A 526 5.05 5.98 -11.78
N ASN A 527 5.68 4.82 -11.74
CA ASN A 527 6.20 4.21 -12.96
C ASN A 527 5.11 3.74 -13.90
N VAL A 528 3.96 3.32 -13.34
CA VAL A 528 2.80 2.99 -14.17
C VAL A 528 2.22 4.25 -14.83
N ILE A 529 2.20 5.38 -14.12
CA ILE A 529 1.74 6.65 -14.69
C ILE A 529 2.62 6.99 -15.91
N LEU A 530 3.93 6.90 -15.72
CA LEU A 530 4.92 7.22 -16.76
C LEU A 530 4.83 6.26 -17.96
N TRP A 531 4.79 4.97 -17.66
CA TRP A 531 4.60 3.93 -18.69
C TRP A 531 3.31 4.13 -19.48
N ALA A 532 2.21 4.34 -18.77
CA ALA A 532 0.91 4.52 -19.41
C ALA A 532 0.85 5.80 -20.25
N GLU A 533 1.50 6.86 -19.77
CA GLU A 533 1.57 8.11 -20.53
C GLU A 533 2.40 7.91 -21.79
N ALA A 534 3.54 7.25 -21.66
CA ALA A 534 4.42 6.98 -22.80
C ALA A 534 3.76 6.10 -23.89
N THR A 535 2.89 5.18 -23.47
CA THR A 535 2.29 4.21 -24.39
C THR A 535 0.84 4.56 -24.77
N GLY A 536 0.36 5.73 -24.36
CA GLY A 536 -0.98 6.20 -24.75
C GLY A 536 -2.15 5.48 -24.09
N ASN A 537 -1.94 4.96 -22.88
CA ASN A 537 -2.95 4.16 -22.19
C ASN A 537 -3.61 4.97 -21.07
N LYS A 538 -4.66 5.70 -21.42
CA LYS A 538 -5.28 6.65 -20.49
C LYS A 538 -5.93 5.98 -19.27
N ALA A 539 -6.65 4.87 -19.50
CA ALA A 539 -7.37 4.20 -18.41
C ALA A 539 -6.38 3.69 -17.35
N LEU A 540 -5.28 3.12 -17.82
CA LEU A 540 -4.22 2.62 -16.94
C LEU A 540 -3.53 3.76 -16.17
N ARG A 541 -3.19 4.82 -16.90
CA ARG A 541 -2.57 5.99 -16.29
C ARG A 541 -3.42 6.54 -15.15
N ASP A 542 -4.71 6.72 -15.42
CA ASP A 542 -5.62 7.31 -14.45
C ASP A 542 -5.78 6.43 -13.21
N ARG A 543 -5.80 5.11 -13.39
CA ARG A 543 -5.84 4.20 -12.25
C ARG A 543 -4.59 4.35 -11.38
N ALA A 544 -3.43 4.47 -12.01
CA ALA A 544 -2.20 4.69 -11.26
C ALA A 544 -2.17 6.06 -10.57
N ILE A 545 -2.75 7.08 -11.20
CA ILE A 545 -2.90 8.40 -10.57
C ILE A 545 -3.77 8.30 -9.31
N TYR A 546 -4.89 7.58 -9.42
CA TYR A 546 -5.76 7.32 -8.25
C TYR A 546 -5.00 6.63 -7.09
N LEU A 547 -4.20 5.63 -7.43
CA LEU A 547 -3.38 4.92 -6.44
C LEU A 547 -2.31 5.81 -5.81
N TYR A 548 -1.52 6.47 -6.67
CA TYR A 548 -0.50 7.42 -6.22
C TYR A 548 -1.07 8.43 -5.21
N THR A 549 -2.19 9.05 -5.58
CA THR A 549 -2.77 10.15 -4.81
C THR A 549 -3.39 9.66 -3.50
N THR A 550 -4.05 8.50 -3.53
CA THR A 550 -4.67 7.95 -2.32
C THR A 550 -3.61 7.42 -1.34
N GLU A 551 -2.65 6.66 -1.86
CA GLU A 551 -1.53 6.17 -1.04
C GLU A 551 -0.80 7.34 -0.35
N MET A 552 -0.61 8.44 -1.08
CA MET A 552 0.02 9.65 -0.52
C MET A 552 -0.72 10.15 0.73
N SER A 553 -2.05 10.20 0.65
CA SER A 553 -2.88 10.63 1.77
C SER A 553 -2.70 9.72 3.00
N ALA A 554 -2.58 8.41 2.79
CA ALA A 554 -2.32 7.48 3.88
C ALA A 554 -0.91 7.63 4.44
N ILE A 555 0.08 7.81 3.57
CA ILE A 555 1.46 7.95 4.01
C ILE A 555 1.60 9.14 4.97
N ASN A 556 1.04 10.28 4.57
CA ASN A 556 1.16 11.49 5.36
C ASN A 556 0.48 11.37 6.74
N GLU A 557 -0.54 10.53 6.86
CA GLU A 557 -1.18 10.27 8.16
C GLU A 557 -0.40 9.25 8.99
N TYR A 558 -0.24 8.04 8.46
CA TYR A 558 0.11 6.87 9.27
C TYR A 558 1.59 6.55 9.31
N PHE A 559 2.34 6.96 8.29
CA PHE A 559 3.80 6.81 8.30
C PHE A 559 4.47 8.07 8.86
N PHE A 560 4.01 9.24 8.45
CA PHE A 560 4.63 10.50 8.84
C PHE A 560 3.95 11.23 9.99
N ASP A 561 2.63 11.04 10.15
CA ASP A 561 1.83 11.86 11.06
C ASP A 561 2.16 13.35 10.92
N VAL A 562 2.06 13.84 9.69
CA VAL A 562 2.41 15.24 9.42
C VAL A 562 1.60 16.24 10.27
N HIS A 563 0.37 15.86 10.65
CA HIS A 563 -0.50 16.75 11.41
C HIS A 563 -0.31 16.67 12.92
N GLN A 564 0.58 15.77 13.39
CA GLN A 564 0.88 15.58 14.81
C GLN A 564 -0.36 15.30 15.65
N GLU A 565 -1.18 14.37 15.16
CA GLU A 565 -2.43 13.97 15.80
C GLU A 565 -2.55 12.48 16.09
N ILE A 566 -1.76 11.64 15.44
CA ILE A 566 -1.99 10.20 15.43
C ILE A 566 -1.04 9.46 16.38
N PHE A 567 0.26 9.74 16.30
CA PHE A 567 1.22 9.01 17.12
C PHE A 567 1.07 9.46 18.57
N PRO A 568 1.20 8.52 19.54
CA PRO A 568 1.12 8.96 20.94
C PRO A 568 2.25 9.94 21.28
N GLU A 569 1.97 10.88 22.19
CA GLU A 569 2.95 11.88 22.60
C GLU A 569 4.27 11.25 23.09
N GLU A 570 4.16 10.15 23.81
CA GLU A 570 5.33 9.42 24.33
C GLU A 570 6.19 8.69 23.28
N TYR A 571 5.69 8.54 22.05
CA TYR A 571 6.44 7.92 20.95
C TYR A 571 7.53 8.88 20.47
N GLY A 572 8.78 8.45 20.61
CA GLY A 572 9.94 9.31 20.32
C GLY A 572 10.21 9.63 18.86
N PRO A 573 10.20 8.61 17.97
CA PRO A 573 10.54 8.87 16.57
C PRO A 573 9.53 9.75 15.86
N GLU A 574 9.94 10.28 14.71
CA GLU A 574 9.10 11.10 13.87
C GLU A 574 8.68 10.35 12.61
N ILE A 575 8.70 9.03 12.68
CA ILE A 575 8.23 8.19 11.60
C ILE A 575 7.85 6.83 12.18
N VAL A 576 6.82 6.22 11.59
CA VAL A 576 6.52 4.81 11.78
C VAL A 576 7.07 4.10 10.55
N THR A 577 7.93 3.11 10.77
CA THR A 577 8.61 2.38 9.71
C THR A 577 7.72 1.32 9.09
N ILE A 578 6.99 0.58 9.92
CA ILE A 578 6.13 -0.50 9.46
C ILE A 578 4.76 -0.29 10.05
N ASN A 579 3.77 -0.09 9.17
CA ASN A 579 2.37 -0.02 9.58
C ASN A 579 1.73 -1.39 9.45
N TRP A 580 1.01 -1.77 10.50
CA TRP A 580 0.24 -3.01 10.53
C TRP A 580 -1.23 -2.66 10.75
N GLY A 581 -2.11 -3.63 10.50
CA GLY A 581 -3.51 -3.49 10.90
C GLY A 581 -3.66 -3.11 12.38
N GLY A 582 -2.87 -3.74 13.25
CA GLY A 582 -3.06 -3.60 14.70
C GLY A 582 -1.98 -2.92 15.52
N LYS A 583 -0.90 -2.50 14.87
CA LYS A 583 0.25 -1.93 15.58
C LYS A 583 1.12 -1.09 14.63
N MET A 584 2.03 -0.33 15.23
CA MET A 584 3.00 0.49 14.50
C MET A 584 4.41 0.27 15.07
N ASP A 585 5.38 0.05 14.19
CA ASP A 585 6.77 -0.21 14.61
C ASP A 585 7.75 0.78 14.01
N HIS A 586 8.69 1.25 14.84
CA HIS A 586 9.93 1.83 14.38
C HIS A 586 10.96 0.71 14.42
N ALA A 587 11.02 -0.04 13.32
CA ALA A 587 11.83 -1.25 13.22
C ALA A 587 11.79 -1.68 11.76
N THR A 588 12.71 -2.53 11.37
CA THR A 588 12.75 -3.03 10.00
C THR A 588 12.64 -4.54 9.95
N TRP A 589 12.27 -5.05 8.77
CA TRP A 589 12.20 -6.50 8.54
C TRP A 589 13.57 -7.21 8.55
N TRP A 590 14.65 -6.45 8.38
CA TRP A 590 16.02 -6.96 8.45
C TRP A 590 16.75 -6.21 9.57
N ASN A 591 17.92 -6.70 9.98
CA ASN A 591 18.68 -6.04 11.03
C ASN A 591 19.40 -4.82 10.48
N SER A 592 19.00 -3.64 10.96
CA SER A 592 19.49 -2.35 10.47
C SER A 592 19.87 -1.39 11.58
N GLY A 593 20.43 -0.26 11.18
CA GLY A 593 20.73 0.86 12.05
C GLY A 593 19.70 1.97 12.01
N LYS A 594 20.12 3.15 12.45
CA LYS A 594 19.19 4.25 12.71
C LYS A 594 18.61 4.89 11.44
N VAL A 595 19.46 5.18 10.46
CA VAL A 595 19.04 5.85 9.22
C VAL A 595 17.98 5.02 8.48
N GLU A 596 18.17 3.70 8.44
CA GLU A 596 17.35 2.82 7.61
C GLU A 596 15.91 2.79 8.09
N LYS A 597 15.70 2.97 9.39
CA LYS A 597 14.36 2.96 9.98
C LYS A 597 13.54 4.21 9.59
N TYR A 598 14.22 5.24 9.08
CA TYR A 598 13.60 6.38 8.38
C TYR A 598 13.60 6.18 6.87
N ALA A 599 14.79 5.94 6.30
CA ALA A 599 14.99 6.05 4.85
C ALA A 599 14.37 4.95 3.99
N ILE A 600 13.99 3.83 4.59
CA ILE A 600 13.22 2.80 3.89
C ILE A 600 11.83 3.30 3.42
N ASN A 601 11.35 4.39 4.02
CA ASN A 601 10.15 5.11 3.55
C ASN A 601 10.44 6.37 2.73
N TRP A 602 11.69 6.54 2.30
CA TRP A 602 12.08 7.56 1.32
C TRP A 602 12.53 6.97 -0.02
N LEU A 603 13.24 5.85 0.02
CA LEU A 603 13.89 5.29 -1.17
C LEU A 603 12.92 4.51 -2.07
N PRO A 604 13.20 4.40 -3.37
CA PRO A 604 14.29 5.10 -4.07
C PRO A 604 13.91 6.54 -4.36
N PHE A 605 14.91 7.40 -4.62
CA PHE A 605 14.63 8.76 -5.11
C PHE A 605 14.47 8.74 -6.62
N HIS A 606 13.39 9.34 -7.12
CA HIS A 606 13.03 9.33 -8.54
C HIS A 606 12.11 10.53 -8.84
N GLY A 607 11.65 10.64 -10.10
CA GLY A 607 10.80 11.77 -10.52
C GLY A 607 9.40 11.87 -9.92
N GLY A 608 8.98 10.84 -9.20
CA GLY A 608 7.73 10.82 -8.44
C GLY A 608 7.92 11.00 -6.93
N SER A 609 9.16 11.28 -6.49
CA SER A 609 9.47 11.41 -5.07
C SER A 609 9.08 12.76 -4.45
N LEU A 610 8.60 13.72 -5.24
CA LEU A 610 8.40 15.08 -4.73
C LEU A 610 7.27 15.18 -3.70
N TYR A 611 6.38 14.19 -3.64
CA TYR A 611 5.40 14.06 -2.54
C TYR A 611 6.03 14.11 -1.14
N LEU A 612 7.28 13.64 -1.02
CA LEU A 612 8.01 13.66 0.24
C LEU A 612 8.29 15.05 0.79
N GLY A 613 8.25 16.08 -0.08
CA GLY A 613 8.51 17.45 0.32
C GLY A 613 7.31 18.37 0.45
N HIS A 614 6.10 17.82 0.47
CA HIS A 614 4.89 18.63 0.58
C HIS A 614 4.73 19.31 1.94
N HIS A 615 5.34 18.73 2.97
CA HIS A 615 5.21 19.21 4.35
C HIS A 615 6.60 19.53 4.90
N PRO A 616 7.10 20.74 4.59
CA PRO A 616 8.47 21.09 5.02
C PRO A 616 8.71 21.09 6.52
N ASP A 617 7.72 21.46 7.34
CA ASP A 617 7.88 21.36 8.80
C ASP A 617 8.08 19.89 9.24
N TYR A 618 7.36 18.97 8.60
CA TYR A 618 7.58 17.53 8.86
C TYR A 618 8.99 17.10 8.46
N VAL A 619 9.40 17.50 7.25
CA VAL A 619 10.73 17.13 6.72
C VAL A 619 11.82 17.62 7.69
N ASP A 620 11.70 18.87 8.14
CA ASP A 620 12.63 19.40 9.16
C ASP A 620 12.58 18.61 10.47
N ARG A 621 11.38 18.40 10.97
CA ARG A 621 11.16 17.71 12.25
C ARG A 621 11.74 16.27 12.25
N ALA A 622 11.48 15.54 11.17
CA ALA A 622 11.98 14.17 11.02
C ALA A 622 13.51 14.13 10.87
N TYR A 623 14.05 14.99 10.02
CA TYR A 623 15.50 15.08 9.86
C TYR A 623 16.19 15.42 11.18
N GLU A 624 15.66 16.40 11.88
CA GLU A 624 16.23 16.84 13.16
C GLU A 624 16.22 15.75 14.22
N GLU A 625 15.14 14.96 14.27
CA GLU A 625 15.07 13.83 15.20
C GLU A 625 16.08 12.74 14.87
N LEU A 626 16.22 12.41 13.59
CA LEU A 626 17.23 11.43 13.18
C LEU A 626 18.65 11.93 13.52
N ARG A 627 18.91 13.20 13.22
CA ARG A 627 20.20 13.83 13.55
C ARG A 627 20.46 13.82 15.05
N ARG A 628 19.44 14.13 15.85
CA ARG A 628 19.57 14.07 17.31
C ARG A 628 20.01 12.68 17.77
N ASP A 629 19.35 11.65 17.23
CA ASP A 629 19.61 10.27 17.64
C ASP A 629 20.98 9.78 17.18
N ILE A 630 21.37 10.12 15.95
CA ILE A 630 22.72 9.83 15.46
C ILE A 630 23.76 10.57 16.30
N GLY A 631 23.46 11.82 16.66
CA GLY A 631 24.35 12.67 17.46
C GLY A 631 25.21 13.60 16.62
N SER A 632 25.07 13.54 15.29
CA SER A 632 25.90 14.29 14.35
C SER A 632 25.33 14.07 12.94
N THR A 633 26.06 14.51 11.92
CA THR A 633 25.73 14.16 10.53
C THR A 633 26.59 12.99 10.00
N ASP A 634 27.19 12.21 10.90
CA ASP A 634 27.92 10.99 10.54
C ASP A 634 26.91 9.85 10.46
N TRP A 635 26.21 9.78 9.33
CA TRP A 635 25.12 8.82 9.13
C TRP A 635 25.68 7.40 9.15
N ASN A 636 25.02 6.50 9.89
CA ASN A 636 25.49 5.12 10.06
C ASN A 636 25.49 4.33 8.73
N LEU A 637 24.57 4.67 7.84
CA LEU A 637 24.43 4.01 6.54
C LEU A 637 23.59 4.90 5.63
N TRP A 638 23.71 4.70 4.33
CA TRP A 638 22.89 5.38 3.33
C TRP A 638 22.95 6.90 3.44
N SER A 639 24.15 7.44 3.68
CA SER A 639 24.32 8.89 3.87
C SER A 639 23.66 9.69 2.75
N ASN A 640 23.82 9.23 1.51
CA ASN A 640 23.31 9.97 0.35
C ASN A 640 21.78 10.18 0.35
N LEU A 641 21.05 9.21 0.88
CA LEU A 641 19.60 9.32 0.99
C LEU A 641 19.22 10.39 2.02
N VAL A 642 19.97 10.47 3.10
CA VAL A 642 19.73 11.52 4.11
C VAL A 642 19.99 12.90 3.50
N TRP A 643 21.08 13.03 2.74
CA TRP A 643 21.38 14.31 2.06
C TRP A 643 20.29 14.72 1.08
N MET A 644 19.81 13.76 0.28
CA MET A 644 18.77 14.05 -0.71
C MET A 644 17.46 14.45 -0.04
N TYR A 645 17.14 13.81 1.08
CA TYR A 645 15.95 14.13 1.87
C TYR A 645 16.09 15.53 2.48
N ARG A 646 17.25 15.80 3.07
CA ARG A 646 17.54 17.10 3.68
C ARG A 646 17.37 18.25 2.68
N ALA A 647 17.70 17.99 1.40
CA ALA A 647 17.59 18.99 0.34
C ALA A 647 16.17 19.50 0.08
N PHE A 648 15.14 18.77 0.53
CA PHE A 648 13.76 19.25 0.43
C PHE A 648 13.53 20.56 1.19
N THR A 649 14.25 20.77 2.28
CA THR A 649 14.13 22.01 3.08
C THR A 649 15.41 22.81 3.29
N ASN A 650 16.57 22.18 3.16
CA ASN A 650 17.84 22.87 3.39
C ASN A 650 18.92 22.35 2.44
N PRO A 651 18.85 22.77 1.16
CA PRO A 651 19.85 22.29 0.21
C PRO A 651 21.29 22.76 0.49
N ASP A 652 21.46 23.91 1.14
CA ASP A 652 22.80 24.36 1.58
C ASP A 652 23.47 23.35 2.54
N ASP A 653 22.70 22.87 3.51
CA ASP A 653 23.17 21.87 4.48
C ASP A 653 23.45 20.54 3.77
N ALA A 654 22.52 20.12 2.92
CA ALA A 654 22.68 18.90 2.12
C ALA A 654 23.95 18.96 1.27
N LEU A 655 24.17 20.11 0.62
CA LEU A 655 25.35 20.34 -0.20
C LEU A 655 26.66 20.24 0.58
N GLN A 656 26.74 20.89 1.75
N GLN A 656 26.71 20.89 1.74
CA GLN A 656 27.97 20.83 2.55
CA GLN A 656 27.89 20.87 2.62
C GLN A 656 28.26 19.42 3.08
C GLN A 656 28.23 19.45 3.06
N GLN A 657 27.21 18.68 3.45
CA GLN A 657 27.39 17.28 3.84
C GLN A 657 27.88 16.42 2.67
N MET A 658 27.27 16.61 1.49
CA MET A 658 27.65 15.91 0.28
C MET A 658 29.11 16.19 -0.11
N GLU A 659 29.50 17.46 -0.14
CA GLU A 659 30.87 17.83 -0.54
C GLU A 659 31.90 17.21 0.39
N ALA A 660 31.57 17.14 1.68
CA ALA A 660 32.50 16.61 2.68
C ALA A 660 32.74 15.10 2.60
N SER A 661 31.76 14.33 2.09
CA SER A 661 31.84 12.87 2.15
C SER A 661 31.54 12.06 0.88
N ILE A 662 30.99 12.67 -0.18
CA ILE A 662 30.55 11.89 -1.36
C ILE A 662 31.68 11.09 -2.02
N ASP A 663 32.90 11.65 -2.03
CA ASP A 663 34.06 10.98 -2.62
C ASP A 663 34.91 10.21 -1.58
N ASP A 664 34.36 9.92 -0.41
CA ASP A 664 35.06 9.13 0.62
C ASP A 664 35.50 7.75 0.12
N TYR A 665 34.67 7.14 -0.74
CA TYR A 665 35.01 5.88 -1.39
C TYR A 665 34.80 6.02 -2.89
N GLY A 666 35.39 5.11 -3.66
CA GLY A 666 35.47 5.25 -5.13
C GLY A 666 34.34 4.64 -5.93
N LEU A 667 34.61 3.48 -6.54
CA LEU A 667 33.64 2.81 -7.41
C LEU A 667 32.74 1.87 -6.61
N PHE A 668 31.70 1.38 -7.26
CA PHE A 668 30.68 0.53 -6.62
C PHE A 668 31.27 -0.59 -5.78
N ASP A 669 30.84 -0.67 -4.52
CA ASP A 669 31.29 -1.69 -3.59
C ASP A 669 30.08 -2.25 -2.85
N PRO A 670 29.64 -3.49 -3.18
CA PRO A 670 28.49 -4.12 -2.50
C PRO A 670 28.59 -4.22 -0.98
N GLY A 671 29.82 -4.37 -0.46
CA GLY A 671 30.03 -4.51 0.99
C GLY A 671 29.94 -3.23 1.81
N ASN A 672 29.80 -2.07 1.16
CA ASN A 672 29.87 -0.78 1.84
C ASN A 672 28.82 0.21 1.33
N GLU A 673 27.74 0.36 2.10
CA GLU A 673 26.68 1.30 1.78
C GLU A 673 26.68 2.53 2.72
N LYS A 674 27.81 2.77 3.41
CA LYS A 674 27.96 3.92 4.32
C LYS A 674 27.58 5.25 3.65
N ILE A 675 28.12 5.49 2.47
CA ILE A 675 27.94 6.75 1.77
C ILE A 675 26.86 6.66 0.70
N ILE A 676 26.94 5.64 -0.16
CA ILE A 676 25.98 5.45 -1.24
C ILE A 676 25.19 4.16 -1.00
N GLU A 677 23.87 4.30 -0.83
CA GLU A 677 22.97 3.14 -0.72
C GLU A 677 22.99 2.37 -2.05
N ARG A 678 22.91 1.05 -2.02
CA ARG A 678 23.23 0.23 -3.22
C ARG A 678 22.29 0.36 -4.41
N GLY A 679 21.07 0.81 -4.18
CA GLY A 679 20.18 1.22 -5.27
C GLY A 679 20.35 2.61 -5.84
N SER A 680 21.28 3.38 -5.25
N SER A 680 21.28 3.39 -5.27
CA SER A 680 21.54 4.78 -5.61
CA SER A 680 21.51 4.78 -5.65
C SER A 680 22.91 4.93 -6.26
C SER A 680 22.91 4.93 -6.24
N THR A 681 23.20 6.13 -6.76
CA THR A 681 24.53 6.46 -7.32
C THR A 681 24.97 7.86 -6.93
N LYS A 682 26.28 8.10 -7.09
CA LYS A 682 26.82 9.46 -6.91
C LYS A 682 26.20 10.42 -7.90
N ALA A 683 26.05 10.01 -9.15
CA ALA A 683 25.47 10.84 -10.20
C ALA A 683 24.04 11.29 -9.84
N GLN A 684 23.22 10.34 -9.42
CA GLN A 684 21.86 10.63 -8.96
C GLN A 684 21.86 11.64 -7.81
N THR A 685 22.66 11.35 -6.79
CA THR A 685 22.78 12.18 -5.59
C THR A 685 23.19 13.61 -5.91
N TYR A 686 24.23 13.73 -6.74
CA TYR A 686 24.82 15.02 -7.13
C TYR A 686 23.84 15.85 -7.98
N HIS A 687 23.16 15.17 -8.90
CA HIS A 687 22.15 15.77 -9.78
C HIS A 687 20.93 16.26 -8.97
N TRP A 688 20.47 15.42 -8.05
CA TRP A 688 19.30 15.73 -7.22
C TRP A 688 19.52 16.96 -6.35
N ILE A 689 20.58 16.93 -5.55
CA ILE A 689 20.81 17.97 -4.55
C ILE A 689 21.04 19.34 -5.23
N HIS A 690 21.81 19.37 -6.31
CA HIS A 690 22.02 20.64 -7.05
C HIS A 690 20.77 21.16 -7.74
N ASN A 691 19.93 20.27 -8.26
CA ASN A 691 18.63 20.68 -8.78
C ASN A 691 17.76 21.34 -7.72
N LEU A 692 17.63 20.69 -6.56
N LEU A 692 17.64 20.71 -6.55
CA LEU A 692 16.84 21.24 -5.45
CA LEU A 692 16.83 21.27 -5.46
C LEU A 692 17.40 22.59 -4.96
C LEU A 692 17.40 22.59 -4.92
N ALA A 693 18.73 22.72 -4.93
CA ALA A 693 19.39 23.99 -4.56
C ALA A 693 18.97 25.16 -5.46
N GLU A 694 18.87 24.90 -6.77
CA GLU A 694 18.41 25.92 -7.73
C GLU A 694 16.89 26.12 -7.75
N LEU A 695 16.15 25.03 -7.55
CA LEU A 695 14.69 25.04 -7.69
C LEU A 695 13.94 25.54 -6.45
N GLY A 696 14.48 25.25 -5.26
CA GLY A 696 13.83 25.61 -4.00
C GLY A 696 12.94 24.49 -3.48
N ARG A 697 11.80 24.87 -2.91
CA ARG A 697 10.88 23.93 -2.27
C ARG A 697 9.87 23.40 -3.28
N VAL A 698 9.40 22.18 -3.08
CA VAL A 698 8.25 21.67 -3.84
C VAL A 698 7.06 22.58 -3.52
N ASP A 699 6.28 22.93 -4.54
CA ASP A 699 5.10 23.77 -4.37
C ASP A 699 3.83 22.98 -4.72
N PRO A 700 3.21 22.34 -3.72
CA PRO A 700 1.99 21.58 -3.96
C PRO A 700 0.71 22.41 -4.14
N THR A 701 0.79 23.73 -3.97
CA THR A 701 -0.39 24.60 -4.11
C THR A 701 -0.74 24.93 -5.56
N VAL A 702 0.12 24.55 -6.51
CA VAL A 702 -0.14 24.76 -7.94
C VAL A 702 -0.32 23.42 -8.64
N THR A 703 -1.41 23.30 -9.39
CA THR A 703 -1.68 22.12 -10.21
C THR A 703 -1.63 22.50 -11.68
N ALA A 704 -1.67 21.48 -12.53
CA ALA A 704 -1.66 21.65 -13.98
C ALA A 704 -2.74 20.80 -14.61
N ASN A 705 -3.12 21.15 -15.84
CA ASN A 705 -4.14 20.41 -16.60
C ASN A 705 -3.57 19.26 -17.47
N HIS A 706 -2.30 18.91 -17.24
CA HIS A 706 -1.72 17.66 -17.73
C HIS A 706 -1.02 16.96 -16.56
N PRO A 707 -0.74 15.65 -16.68
CA PRO A 707 -0.29 14.91 -15.48
C PRO A 707 1.21 14.80 -15.22
N ILE A 708 2.06 15.20 -16.17
CA ILE A 708 3.51 15.02 -16.06
C ILE A 708 4.17 16.37 -15.88
N TYR A 709 4.29 16.78 -14.61
CA TYR A 709 4.78 18.11 -14.28
C TYR A 709 5.25 18.19 -12.84
N ALA A 710 5.88 19.30 -12.49
CA ALA A 710 6.15 19.68 -11.11
C ALA A 710 6.28 21.19 -11.03
N VAL A 711 5.97 21.75 -9.86
CA VAL A 711 6.14 23.18 -9.61
C VAL A 711 6.97 23.34 -8.35
N PHE A 712 8.00 24.19 -8.46
CA PHE A 712 8.87 24.52 -7.34
C PHE A 712 8.74 26.02 -7.04
N ASN A 713 9.19 26.40 -5.85
CA ASN A 713 9.09 27.77 -5.36
C ASN A 713 10.32 28.09 -4.51
N LYS A 714 11.13 29.05 -4.96
CA LYS A 714 12.29 29.52 -4.22
C LYS A 714 12.09 31.01 -3.87
N ASN A 715 11.74 31.28 -2.60
CA ASN A 715 11.52 32.64 -2.10
C ASN A 715 10.50 33.43 -2.93
N GLY A 716 9.41 32.77 -3.32
CA GLY A 716 8.36 33.40 -4.13
C GLY A 716 8.50 33.27 -5.64
N ASN A 717 9.65 32.81 -6.13
CA ASN A 717 9.87 32.63 -7.57
C ASN A 717 9.63 31.18 -7.97
N ARG A 718 8.62 30.96 -8.81
CA ARG A 718 8.23 29.61 -9.22
C ARG A 718 8.94 29.16 -10.48
N THR A 719 9.26 27.86 -10.49
CA THR A 719 9.77 27.18 -11.66
C THR A 719 8.76 26.11 -12.02
N TYR A 720 8.35 26.09 -13.28
CA TYR A 720 7.34 25.16 -13.79
C TYR A 720 8.03 24.18 -14.71
N ILE A 721 7.92 22.89 -14.38
CA ILE A 721 8.56 21.82 -15.15
C ILE A 721 7.48 20.91 -15.72
N VAL A 722 7.55 20.63 -17.01
CA VAL A 722 6.65 19.69 -17.69
C VAL A 722 7.49 18.81 -18.59
N TYR A 723 7.20 17.51 -18.61
CA TYR A 723 7.72 16.63 -19.65
C TYR A 723 6.58 16.21 -20.57
N ASN A 724 6.82 16.27 -21.88
CA ASN A 724 5.81 15.97 -22.89
C ASN A 724 6.14 14.65 -23.59
N PHE A 725 5.35 13.61 -23.32
CA PHE A 725 5.53 12.30 -23.98
C PHE A 725 4.96 12.22 -25.40
N SER A 726 4.26 13.24 -25.86
CA SER A 726 3.58 13.20 -27.16
C SER A 726 4.52 13.47 -28.34
N ASP A 727 4.10 12.99 -29.50
CA ASP A 727 4.73 13.33 -30.78
C ASP A 727 4.45 14.79 -31.19
N SER A 728 3.40 15.38 -30.62
CA SER A 728 2.99 16.75 -30.92
C SER A 728 3.30 17.70 -29.77
N PRO A 729 3.48 19.01 -30.08
CA PRO A 729 3.62 19.99 -29.00
C PRO A 729 2.33 20.14 -28.20
N ILE A 730 2.46 20.59 -26.96
CA ILE A 730 1.30 20.81 -26.09
C ILE A 730 1.41 22.15 -25.36
N THR A 731 0.26 22.61 -24.88
CA THR A 731 0.17 23.78 -24.02
C THR A 731 -0.34 23.30 -22.66
N VAL A 732 0.35 23.70 -21.60
CA VAL A 732 -0.05 23.34 -20.24
C VAL A 732 -0.48 24.59 -19.49
N GLN A 733 -1.68 24.54 -18.92
CA GLN A 733 -2.21 25.61 -18.06
C GLN A 733 -2.02 25.20 -16.59
N PHE A 734 -1.43 26.10 -15.81
CA PHE A 734 -1.29 25.90 -14.36
C PHE A 734 -2.35 26.69 -13.61
N SER A 735 -2.66 26.26 -12.38
CA SER A 735 -3.77 26.79 -11.61
C SER A 735 -3.56 28.23 -11.11
N ASP A 736 -2.32 28.70 -11.11
CA ASP A 736 -2.00 30.10 -10.78
C ASP A 736 -2.10 31.06 -11.97
N GLY A 737 -2.52 30.58 -13.14
CA GLY A 737 -2.65 31.40 -14.35
C GLY A 737 -1.50 31.26 -15.35
N HIS A 738 -0.39 30.67 -14.91
CA HIS A 738 0.78 30.49 -15.77
C HIS A 738 0.51 29.44 -16.86
N SER A 739 1.11 29.67 -18.03
CA SER A 739 0.90 28.85 -19.22
C SER A 739 2.24 28.66 -19.91
N ILE A 740 2.49 27.45 -20.43
CA ILE A 740 3.72 27.18 -21.19
C ILE A 740 3.48 26.29 -22.40
N GLN A 741 4.38 26.40 -23.38
CA GLN A 741 4.42 25.51 -24.53
C GLN A 741 5.56 24.52 -24.32
N VAL A 742 5.34 23.28 -24.73
CA VAL A 742 6.34 22.21 -24.60
C VAL A 742 6.40 21.45 -25.92
N GLU A 743 7.62 21.29 -26.44
CA GLU A 743 7.81 20.61 -27.71
C GLU A 743 7.76 19.09 -27.51
N PRO A 744 7.63 18.31 -28.61
CA PRO A 744 7.55 16.85 -28.49
C PRO A 744 8.73 16.20 -27.76
N HIS A 745 8.44 15.16 -26.99
CA HIS A 745 9.46 14.31 -26.36
C HIS A 745 10.56 15.10 -25.66
N SER A 746 10.15 16.02 -24.78
CA SER A 746 11.10 16.91 -24.11
C SER A 746 10.51 17.57 -22.88
N PHE A 747 11.40 18.08 -22.03
CA PHE A 747 11.03 19.02 -20.97
C PHE A 747 10.82 20.41 -21.60
N ASN A 748 10.04 21.25 -20.94
CA ASN A 748 9.92 22.68 -21.33
C ASN A 748 11.22 23.46 -21.08
N ILE A 749 11.92 23.11 -20.01
CA ILE A 749 13.22 23.70 -19.64
C ILE A 749 14.15 22.61 -19.12
N GLY A 750 15.45 22.82 -19.22
CA GLY A 750 16.43 21.88 -18.69
C GLY A 750 16.46 20.53 -19.38
N ASN A 751 16.34 20.52 -20.71
CA ASN A 751 16.62 19.31 -21.49
C ASN A 751 18.10 18.97 -21.50
N GLY A 752 18.96 19.98 -21.36
CA GLY A 752 20.40 19.80 -21.41
C GLY A 752 20.90 19.77 -22.84
N ASP A 753 22.03 19.10 -23.05
CA ASP A 753 22.75 19.10 -24.33
C ASP A 753 22.17 18.07 -25.31
C2 BGC B . 10.34 -12.62 6.88
C3 BGC B . 9.11 -11.93 6.29
C4 BGC B . 7.95 -12.91 6.12
C5 BGC B . 7.71 -13.65 7.43
C6 BGC B . 6.63 -14.72 7.30
C1 BGC B . 9.97 -13.38 8.14
O1 BGC B . 11.11 -14.11 8.58
O2 BGC B . 11.35 -11.63 7.16
O3 BGC B . 9.52 -11.39 5.04
O4 BGC B . 6.76 -12.20 5.71
O5 BGC B . 8.92 -14.29 7.84
O6 BGC B . 6.27 -15.20 8.60
C2 BGC B . 9.89 -9.50 3.64
C3 BGC B . 9.36 -8.10 3.39
C4 BGC B . 7.87 -8.13 3.09
C5 BGC B . 7.19 -8.67 4.33
C6 BGC B . 5.68 -8.72 4.18
C1 BGC B . 9.11 -10.05 4.83
O2 BGC B . 11.32 -9.42 3.83
O4 BGC B . 7.39 -6.84 2.69
O5 BGC B . 7.70 -9.98 4.60
O6 BGC B . 5.12 -9.40 5.29
C2 BGC C . 11.93 -5.86 2.44
C3 BGC C . 12.74 -4.68 1.93
C4 BGC C . 12.26 -4.06 0.62
C5 BGC C . 11.21 -4.91 -0.08
C6 BGC C . 11.83 -6.19 -0.61
C1 BGC C . 10.47 -5.96 1.99
O1 BGC C . 10.16 -7.38 1.81
O2 BGC C . 11.98 -5.85 3.88
O3 BGC C . 14.02 -5.24 1.68
O4 BGC C . 11.73 -2.74 0.84
O5 BGC C . 10.15 -5.20 0.82
O6 BGC C . 10.82 -7.00 -1.24
C2 BGC C . 16.32 -5.24 1.97
C3 BGC C . 17.53 -4.40 2.24
C4 BGC C . 17.62 -3.15 1.41
C5 BGC C . 16.32 -2.37 1.53
C6 BGC C . 16.33 -1.18 0.60
C1 BGC C . 15.09 -4.37 2.05
O2 BGC C . 16.22 -6.30 2.94
O3 BGC C . 18.70 -5.09 1.85
O4 BGC C . 18.77 -2.43 1.86
O5 BGC C . 15.23 -3.23 1.20
O6 BGC C . 16.49 -1.64 -0.75
C2 BGC D . 4.32 -16.10 14.93
C3 BGC D . 3.85 -14.66 14.76
C4 BGC D . 2.41 -14.62 14.23
C5 BGC D . 1.51 -15.58 15.04
C6 BGC D . 0.22 -15.80 14.30
C1 BGC D . 3.36 -16.85 15.85
O1 BGC D . 3.80 -18.21 16.06
O2 BGC D . 5.66 -16.11 15.44
O3 BGC D . 4.77 -14.02 13.85
O4 BGC D . 1.88 -13.30 14.28
O5 BGC D . 2.09 -16.87 15.21
O6 BGC D . -0.72 -16.47 15.15
C2 BGC D . 6.38 -12.28 13.53
C3 BGC D . 6.72 -10.80 13.75
C4 BGC D . 5.51 -9.91 13.44
C5 BGC D . 4.25 -10.42 14.15
C6 BGC D . 3.01 -9.66 13.71
C1 BGC D . 5.09 -12.67 14.22
O2 BGC D . 7.46 -13.05 14.04
O3 BGC D . 7.85 -10.55 12.90
O4 BGC D . 5.70 -8.54 13.82
O5 BGC D . 4.05 -11.79 13.83
O6 BGC D . 1.82 -10.30 14.21
C2 BGC D . 10.06 -9.59 12.78
C3 BGC D . 10.89 -8.32 12.96
C4 BGC D . 10.16 -7.08 12.46
C5 BGC D . 8.75 -7.03 13.04
C6 BGC D . 7.92 -5.87 12.52
C1 BGC D . 8.63 -9.41 13.26
O2 BGC D . 10.67 -10.67 13.50
O3 BGC D . 12.11 -8.57 12.23
O4 BGC D . 10.86 -5.90 12.82
O5 BGC D . 8.06 -8.22 12.69
O6 BGC D . 6.69 -5.83 13.24
C2 BGC D . 14.49 -8.75 12.27
C3 BGC D . 15.74 -8.45 13.08
C4 BGC D . 15.79 -7.00 13.52
C5 BGC D . 14.48 -6.54 14.15
C6 BGC D . 14.43 -5.02 14.40
C1 BGC D . 13.26 -8.28 13.03
O2 BGC D . 14.39 -10.15 12.00
O3 BGC D . 16.84 -8.75 12.24
O4 BGC D . 16.87 -6.87 14.46
O5 BGC D . 13.37 -6.89 13.32
O6 BGC D . 14.37 -4.30 13.17
C1 GLC E . 10.46 -4.65 2.25
C2 GLC E . 11.84 -5.24 2.60
C3 GLC E . 12.92 -4.40 1.97
C4 GLC E . 12.45 -3.88 0.63
C5 GLC E . 11.31 -4.68 -0.02
C6 GLC E . 11.81 -6.00 -0.59
O1 GLC E . 10.40 -3.24 2.47
O2 GLC E . 12.04 -5.37 4.01
O3 GLC E . 14.08 -5.24 1.83
O4 GLC E . 12.02 -2.51 0.74
O5 GLC E . 10.21 -4.91 0.87
O6 GLC E . 10.78 -6.62 -1.38
C2 BGC F . 16.43 -5.45 2.25
C3 BGC F . 17.71 -4.70 2.62
C4 BGC F . 17.86 -3.48 1.70
C5 BGC F . 16.60 -2.62 1.78
C6 BGC F . 16.67 -1.40 0.88
C1 BGC F . 15.24 -4.51 2.23
O2 BGC F . 16.21 -6.50 3.20
O3 BGC F . 18.82 -5.58 2.38
O4 BGC F . 19.02 -2.72 2.07
O5 BGC F . 15.48 -3.40 1.37
O6 BGC F . 16.49 -1.82 -0.48
C2 BGC G . 19.81 -7.38 3.49
C3 BGC G . 20.81 -7.78 4.55
C4 BGC G . 22.15 -7.19 4.15
C5 BGC G . 22.06 -5.65 4.05
C6 BGC G . 23.35 -5.09 3.46
C1 BGC G . 19.72 -5.88 3.47
O2 BGC G . 18.50 -7.91 3.77
O3 BGC G . 20.85 -9.22 4.65
O4 BGC G . 23.13 -7.57 5.12
O5 BGC G . 20.97 -5.23 3.23
O6 BGC G . 23.17 -3.70 3.19
P PO4 H . -2.43 14.00 -21.87
O1 PO4 H . -3.71 13.87 -21.11
O2 PO4 H . -1.44 14.82 -21.10
O3 PO4 H . -2.78 14.66 -23.20
O4 PO4 H . -1.84 12.65 -22.16
P PO4 I . -3.52 13.67 4.44
O1 PO4 I . -3.17 15.02 5.01
O2 PO4 I . -3.65 13.80 2.95
O3 PO4 I . -4.82 13.12 4.96
O4 PO4 I . -2.43 12.72 4.83
P PO4 J . -20.44 0.23 32.63
O1 PO4 J . -20.86 1.30 33.60
O2 PO4 J . -21.42 0.25 31.47
O3 PO4 J . -20.50 -1.13 33.28
O4 PO4 J . -19.03 0.50 32.14
P PO4 K . 3.88 21.43 7.22
O1 PO4 K . 3.17 22.07 8.39
O2 PO4 K . 4.93 22.36 6.67
O3 PO4 K . 2.86 21.11 6.14
O4 PO4 K . 4.55 20.18 7.73
P PO4 L . -28.89 -30.19 15.21
O1 PO4 L . -30.27 -29.63 15.49
O2 PO4 L . -27.84 -29.25 15.76
O3 PO4 L . -28.73 -31.53 15.88
O4 PO4 L . -28.71 -30.35 13.72
P PO4 M . -1.13 17.14 -0.03
O1 PO4 M . -2.01 17.54 1.14
O2 PO4 M . -0.10 18.21 -0.30
O3 PO4 M . -1.99 16.95 -1.26
O4 PO4 M . -0.38 15.86 0.30
P PO4 N . 17.88 5.00 -27.62
O1 PO4 N . 18.03 6.43 -27.14
O2 PO4 N . 16.43 4.68 -27.88
O3 PO4 N . 18.42 4.09 -26.54
O4 PO4 N . 18.66 4.81 -28.91
P PO4 O . 30.23 21.47 -6.98
O1 PO4 O . 29.65 22.37 -8.05
O2 PO4 O . 29.11 20.82 -6.23
O3 PO4 O . 31.06 22.29 -6.02
O4 PO4 O . 31.09 20.39 -7.60
P PO4 P . -13.14 -9.16 -10.26
O1 PO4 P . -13.53 -7.76 -10.68
O2 PO4 P . -11.74 -9.12 -9.69
O3 PO4 P . -14.12 -9.69 -9.23
O4 PO4 P . -13.16 -10.08 -11.46
C1 EDO Q . -6.74 12.27 13.82
O1 EDO Q . -6.73 11.09 14.65
C2 EDO Q . -7.65 13.32 14.43
O2 EDO Q . -7.04 13.78 15.64
C1 EDO R . -9.85 2.51 30.28
O1 EDO R . -8.94 2.02 29.29
C2 EDO R . -9.33 3.82 30.84
O2 EDO R . -8.99 4.69 29.75
C1 EDO S . -19.55 -9.64 1.23
O1 EDO S . -20.89 -10.14 1.46
C2 EDO S . -19.19 -8.76 2.42
O2 EDO S . -20.01 -7.58 2.45
C1 EDO T . -24.80 -19.16 6.00
O1 EDO T . -25.29 -20.49 5.87
C2 EDO T . -25.47 -18.51 7.20
O2 EDO T . -26.82 -18.16 6.89
C1 EDO U . 13.66 -13.28 3.52
O1 EDO U . 12.87 -14.13 4.36
C2 EDO U . 14.07 -12.01 4.26
O2 EDO U . 12.95 -11.45 4.96
C1 EDO V . -34.40 -1.22 11.07
O1 EDO V . -35.18 -0.33 10.25
C2 EDO V . -34.88 -1.14 12.51
O2 EDO V . -34.57 0.15 13.05
C1 EDO W . 30.97 5.20 -3.14
O1 EDO W . 30.71 4.92 -1.76
C2 EDO W . 31.03 3.90 -3.93
O2 EDO W . 30.00 3.87 -4.92
#